data_4RIR
#
_entry.id   4RIR
#
_cell.length_a   53.723
_cell.length_b   103.707
_cell.length_c   101.188
_cell.angle_alpha   90.00
_cell.angle_beta   100.45
_cell.angle_gamma   90.00
#
_symmetry.space_group_name_H-M   'P 1 21 1'
#
loop_
_entity.id
_entity.type
_entity.pdbx_description
1 polymer 'CH58-UA Fab heavy chain'
2 polymer 'CH58-UA Fab light chain'
3 water water
#
loop_
_entity_poly.entity_id
_entity_poly.type
_entity_poly.pdbx_seq_one_letter_code
_entity_poly.pdbx_strand_id
1 'polypeptide(L)'
;EVQLVQSGAEVKKPGESLKISCKGSGYSFTSYWIGWVRQMPGKGLEWMGIIYPGDSDTRYSPSFQGQVTISADKSISTAY
LQWSSLKASDTAMYYCARLGGRYYYDSSGYYYFDYWGQGTLVTVSSASTKGPSVFPLAPSSKSTSGGTAALGCLVKDYFP
EPVTVSWNSGALTSGVHTFPAVLQSSGLYSLSSVVTVPSSSLGTQTYICNVNHKPSNTKVDKRVEPKSCDK
;
H,A
2 'polypeptide(L)'
;NFMLTQPHSVSESPGKTVTISCTRSSGSIASNYVQWYQQRPGSSPTTVIYEDNQRPSGVPDRFSGSIDSSSNSASLTISG
LKTEDEADYYCQSYDSSSWVFGGGTKLTVLGQPKAAPSVTLFPPSSEELQANKATLVCLISDFYPGAVTVAWKADSSPVK
AGVETTTPSKQSNNKYAASSYLSLTPEQWKSHRSYSCQVTHEGSTVEKTVAPTECS
;
L,B
#
# COMPACT_ATOMS: atom_id res chain seq x y z
N GLU A 1 16.77 -9.16 25.45
CA GLU A 1 16.94 -9.25 24.01
C GLU A 1 16.45 -10.60 23.49
N VAL A 2 15.51 -11.19 24.22
CA VAL A 2 15.09 -12.59 24.02
C VAL A 2 14.26 -12.84 22.76
N GLN A 3 14.52 -13.97 22.11
CA GLN A 3 13.82 -14.36 20.89
C GLN A 3 13.62 -15.86 20.75
N LEU A 4 12.39 -16.25 20.47
CA LEU A 4 12.07 -17.61 20.07
C LEU A 4 11.68 -17.64 18.60
N VAL A 5 12.56 -18.21 17.77
CA VAL A 5 12.33 -18.26 16.33
C VAL A 5 12.04 -19.69 15.89
N GLN A 6 10.83 -19.92 15.38
CA GLN A 6 10.43 -21.26 14.99
C GLN A 6 10.69 -21.51 13.52
N SER A 7 10.64 -22.78 13.13
CA SER A 7 10.87 -23.18 11.73
C SER A 7 9.70 -22.79 10.81
N GLY A 8 9.94 -22.82 9.51
CA GLY A 8 8.98 -22.32 8.55
C GLY A 8 7.69 -23.14 8.42
N ALA A 9 6.72 -22.58 7.70
CA ALA A 9 5.43 -23.23 7.49
C ALA A 9 5.56 -24.60 6.83
N GLU A 10 4.67 -25.51 7.20
CA GLU A 10 4.73 -26.87 6.71
C GLU A 10 3.51 -27.27 5.87
N VAL A 11 3.77 -27.72 4.65
CA VAL A 11 2.75 -28.32 3.80
C VAL A 11 3.02 -29.83 3.74
N LYS A 12 2.16 -30.59 4.38
CA LYS A 12 2.39 -32.02 4.57
C LYS A 12 1.16 -32.84 4.21
N LYS A 13 1.28 -34.17 4.28
CA LYS A 13 0.23 -35.08 3.86
C LYS A 13 0.04 -36.18 4.92
N PRO A 14 -1.20 -36.63 5.15
CA PRO A 14 -1.47 -37.67 6.15
C PRO A 14 -0.58 -38.90 6.02
N GLY A 15 -0.11 -39.42 7.14
CA GLY A 15 0.78 -40.57 7.14
C GLY A 15 2.24 -40.21 7.10
N GLU A 16 2.54 -38.96 6.76
CA GLU A 16 3.91 -38.46 6.75
C GLU A 16 4.39 -38.07 8.15
N SER A 17 5.70 -38.12 8.36
CA SER A 17 6.29 -37.73 9.63
C SER A 17 6.68 -36.26 9.56
N LEU A 18 6.70 -35.60 10.72
CA LEU A 18 7.05 -34.18 10.79
C LEU A 18 7.77 -33.84 12.08
N LYS A 19 8.74 -32.94 11.96
CA LYS A 19 9.48 -32.47 13.12
C LYS A 19 9.75 -30.99 12.95
N ILE A 20 9.06 -30.17 13.74
CA ILE A 20 9.31 -28.73 13.69
C ILE A 20 10.12 -28.24 14.88
N SER A 21 10.72 -27.06 14.74
CA SER A 21 11.71 -26.62 15.69
C SER A 21 11.44 -25.23 16.25
N CYS A 22 12.08 -24.95 17.38
CA CYS A 22 12.01 -23.65 18.02
C CYS A 22 13.39 -23.34 18.59
N LYS A 23 13.96 -22.21 18.19
CA LYS A 23 15.34 -21.89 18.52
C LYS A 23 15.43 -20.64 19.40
N GLY A 24 16.01 -20.79 20.59
CA GLY A 24 16.01 -19.73 21.56
C GLY A 24 17.29 -18.91 21.59
N SER A 25 17.16 -17.59 21.46
CA SER A 25 18.31 -16.72 21.54
C SER A 25 18.13 -15.62 22.60
N GLY A 26 19.24 -15.12 23.12
CA GLY A 26 19.22 -14.01 24.05
C GLY A 26 19.09 -14.39 25.52
N TYR A 27 19.20 -15.67 25.83
CA TYR A 27 19.10 -16.14 27.22
C TYR A 27 19.63 -17.57 27.39
N SER A 28 19.76 -17.99 28.65
CA SER A 28 20.23 -19.33 28.95
C SER A 28 19.16 -20.38 28.64
N PHE A 29 19.28 -21.01 27.48
CA PHE A 29 18.26 -21.94 27.00
C PHE A 29 18.11 -23.16 27.91
N THR A 30 19.17 -23.52 28.63
CA THR A 30 19.10 -24.65 29.56
C THR A 30 18.52 -24.25 30.92
N SER A 31 18.23 -22.97 31.10
CA SER A 31 17.74 -22.49 32.39
C SER A 31 16.23 -22.22 32.44
N TYR A 32 15.50 -22.61 31.39
CA TYR A 32 14.07 -22.35 31.35
C TYR A 32 13.28 -23.46 30.70
N TRP A 33 12.10 -23.73 31.24
CA TRP A 33 11.19 -24.68 30.63
C TRP A 33 10.71 -24.08 29.31
N ILE A 34 10.62 -24.91 28.28
CA ILE A 34 10.05 -24.50 27.00
C ILE A 34 8.76 -25.27 26.77
N GLY A 35 7.70 -24.57 26.39
CA GLY A 35 6.40 -25.18 26.22
C GLY A 35 5.93 -25.21 24.77
N TRP A 36 5.03 -26.12 24.47
CA TRP A 36 4.44 -26.20 23.14
C TRP A 36 2.93 -26.04 23.25
N VAL A 37 2.38 -25.18 22.39
CA VAL A 37 0.95 -24.85 22.44
C VAL A 37 0.30 -24.99 21.05
N ARG A 38 -0.84 -25.66 20.98
CA ARG A 38 -1.56 -25.80 19.71
C ARG A 38 -2.73 -24.82 19.58
N GLN A 39 -2.98 -24.38 18.35
CA GLN A 39 -4.14 -23.55 18.05
C GLN A 39 -4.68 -23.90 16.65
N MET A 40 -5.77 -24.66 16.64
CA MET A 40 -6.37 -25.08 15.39
C MET A 40 -7.17 -23.93 14.78
N PRO A 41 -7.48 -24.00 13.48
CA PRO A 41 -8.11 -22.87 12.79
C PRO A 41 -9.37 -22.33 13.46
N GLY A 42 -9.29 -21.09 13.94
CA GLY A 42 -10.45 -20.40 14.49
C GLY A 42 -10.80 -20.86 15.90
N LYS A 43 -9.83 -21.51 16.54
CA LYS A 43 -10.04 -22.08 17.87
C LYS A 43 -9.06 -21.51 18.89
N GLY A 44 -9.13 -22.00 20.12
CA GLY A 44 -8.31 -21.49 21.20
C GLY A 44 -6.98 -22.20 21.44
N LEU A 45 -6.23 -21.71 22.43
CA LEU A 45 -4.90 -22.23 22.72
C LEU A 45 -4.99 -23.45 23.64
N GLU A 46 -4.33 -24.54 23.26
CA GLU A 46 -4.31 -25.74 24.07
C GLU A 46 -2.87 -26.11 24.41
N TRP A 47 -2.55 -26.30 25.68
CA TRP A 47 -1.19 -26.63 26.07
C TRP A 47 -0.86 -28.09 25.73
N MET A 48 0.29 -28.31 25.10
CA MET A 48 0.64 -29.66 24.62
C MET A 48 1.63 -30.40 25.53
N GLY A 49 2.68 -29.71 25.93
CA GLY A 49 3.69 -30.30 26.77
C GLY A 49 4.81 -29.33 27.08
N ILE A 50 5.74 -29.77 27.94
CA ILE A 50 6.80 -28.89 28.37
C ILE A 50 8.10 -29.67 28.52
N ILE A 51 9.21 -28.98 28.28
CA ILE A 51 10.51 -29.62 28.40
C ILE A 51 11.54 -28.70 29.08
N TYR A 52 12.38 -29.27 29.93
CA TYR A 52 13.51 -28.55 30.50
C TYR A 52 14.78 -28.94 29.74
N PRO A 53 15.26 -28.05 28.86
CA PRO A 53 16.39 -28.37 27.97
C PRO A 53 17.66 -28.77 28.69
N GLY A 54 17.78 -28.44 29.97
CA GLY A 54 18.96 -28.79 30.73
C GLY A 54 19.18 -30.29 30.87
N ASP A 55 18.10 -31.06 30.92
CA ASP A 55 18.18 -32.50 31.15
C ASP A 55 17.04 -33.28 30.48
N SER A 56 16.37 -32.62 29.54
CA SER A 56 15.28 -33.24 28.76
C SER A 56 14.15 -33.81 29.62
N ASP A 57 13.98 -33.27 30.82
CA ASP A 57 12.82 -33.58 31.63
C ASP A 57 11.60 -33.09 30.85
N THR A 58 10.70 -34.01 30.53
CA THR A 58 9.58 -33.72 29.67
C THR A 58 8.27 -34.15 30.31
N ARG A 59 7.23 -33.35 30.15
CA ARG A 59 5.91 -33.70 30.64
C ARG A 59 4.85 -33.30 29.60
N TYR A 60 3.86 -34.15 29.40
CA TYR A 60 2.81 -33.88 28.42
C TYR A 60 1.45 -33.66 29.06
N SER A 61 0.66 -32.77 28.47
CA SER A 61 -0.75 -32.66 28.81
C SER A 61 -1.37 -34.02 28.57
N PRO A 62 -2.37 -34.38 29.39
CA PRO A 62 -2.97 -35.71 29.23
C PRO A 62 -3.65 -35.85 27.88
N SER A 63 -4.09 -34.73 27.32
CA SER A 63 -4.81 -34.72 26.05
C SER A 63 -3.84 -34.80 24.87
N PHE A 64 -2.58 -35.09 25.14
CA PHE A 64 -1.58 -35.19 24.07
C PHE A 64 -0.58 -36.33 24.27
N GLN A 65 -0.56 -36.89 25.47
CA GLN A 65 0.37 -37.95 25.84
C GLN A 65 0.39 -39.07 24.80
N GLY A 66 1.58 -39.41 24.33
CA GLY A 66 1.75 -40.48 23.36
C GLY A 66 1.21 -40.18 21.96
N GLN A 67 0.63 -38.99 21.78
CA GLN A 67 0.16 -38.57 20.47
C GLN A 67 1.23 -37.81 19.71
N VAL A 68 2.16 -37.21 20.46
CA VAL A 68 3.16 -36.34 19.88
C VAL A 68 4.47 -36.52 20.65
N THR A 69 5.59 -36.07 20.09
CA THR A 69 6.89 -36.25 20.75
C THR A 69 7.73 -34.96 20.86
N ILE A 70 8.03 -34.57 22.09
CA ILE A 70 8.76 -33.33 22.40
C ILE A 70 10.19 -33.61 22.86
N SER A 71 11.14 -32.84 22.34
CA SER A 71 12.54 -33.06 22.64
C SER A 71 13.30 -31.75 22.54
N ALA A 72 14.60 -31.79 22.84
CA ALA A 72 15.42 -30.60 22.71
C ALA A 72 16.89 -30.91 22.47
N ASP A 73 17.56 -30.02 21.75
CA ASP A 73 19.00 -30.10 21.52
C ASP A 73 19.63 -28.86 22.14
N LYS A 74 20.11 -28.98 23.38
CA LYS A 74 20.55 -27.82 24.13
C LYS A 74 21.77 -27.13 23.52
N SER A 75 22.62 -27.92 22.88
CA SER A 75 23.85 -27.39 22.28
C SER A 75 23.55 -26.30 21.26
N ILE A 76 22.40 -26.40 20.60
CA ILE A 76 21.99 -25.36 19.67
C ILE A 76 20.74 -24.59 20.12
N SER A 77 20.41 -24.65 21.41
CA SER A 77 19.27 -23.90 21.98
C SER A 77 17.97 -24.13 21.21
N THR A 78 17.71 -25.38 20.83
CA THR A 78 16.60 -25.65 19.94
C THR A 78 15.70 -26.72 20.50
N ALA A 79 14.41 -26.42 20.53
CA ALA A 79 13.41 -27.38 21.00
C ALA A 79 12.59 -27.90 19.82
N TYR A 80 12.11 -29.15 19.93
CA TYR A 80 11.38 -29.77 18.83
C TYR A 80 10.03 -30.35 19.26
N LEU A 81 9.11 -30.34 18.30
CA LEU A 81 7.82 -31.03 18.41
C LEU A 81 7.74 -31.95 17.19
N GLN A 82 7.18 -33.14 17.36
CA GLN A 82 7.38 -34.18 16.36
C GLN A 82 6.26 -35.22 16.29
N TRP A 83 5.73 -35.43 15.09
CA TRP A 83 4.73 -36.47 14.82
C TRP A 83 5.32 -37.58 13.96
N SER A 84 5.09 -38.82 14.38
CA SER A 84 5.56 -39.96 13.58
C SER A 84 4.61 -40.27 12.43
N SER A 85 3.32 -39.94 12.59
CA SER A 85 2.33 -40.20 11.54
C SER A 85 1.17 -39.19 11.59
N LEU A 86 1.28 -38.15 10.78
CA LEU A 86 0.33 -37.04 10.78
C LEU A 86 -1.12 -37.40 10.41
N LYS A 87 -2.08 -36.73 11.04
CA LYS A 87 -3.47 -36.77 10.59
C LYS A 87 -3.81 -35.37 10.08
N ALA A 88 -4.83 -35.27 9.23
CA ALA A 88 -5.27 -33.97 8.74
C ALA A 88 -5.80 -33.13 9.89
N SER A 89 -6.17 -33.80 10.97
CA SER A 89 -6.68 -33.13 12.14
C SER A 89 -5.54 -32.47 12.93
N ASP A 90 -4.30 -32.80 12.56
CA ASP A 90 -3.13 -32.17 13.15
C ASP A 90 -2.86 -30.80 12.53
N THR A 91 -3.71 -30.41 11.58
CA THR A 91 -3.60 -29.12 10.92
C THR A 91 -3.88 -28.01 11.92
N ALA A 92 -2.88 -27.18 12.18
CA ALA A 92 -2.99 -26.16 13.20
C ALA A 92 -1.86 -25.17 13.11
N MET A 93 -1.91 -24.15 13.95
CA MET A 93 -0.75 -23.33 14.24
C MET A 93 -0.10 -23.92 15.49
N TYR A 94 1.22 -23.86 15.59
CA TYR A 94 1.93 -24.35 16.77
C TYR A 94 2.97 -23.33 17.25
N TYR A 95 2.86 -22.96 18.53
CA TYR A 95 3.82 -22.04 19.15
C TYR A 95 4.73 -22.77 20.14
N CYS A 96 5.97 -22.32 20.24
CA CYS A 96 6.77 -22.63 21.40
C CYS A 96 6.71 -21.35 22.23
N ALA A 97 6.97 -21.48 23.53
CA ALA A 97 6.97 -20.32 24.42
C ALA A 97 7.84 -20.60 25.63
N ARG A 98 8.49 -19.55 26.13
CA ARG A 98 9.37 -19.69 27.30
C ARG A 98 8.59 -19.60 28.61
N LEU A 99 8.86 -20.54 29.53
CA LEU A 99 8.27 -20.46 30.86
C LEU A 99 9.07 -19.52 31.76
N GLY A 100 9.15 -18.25 31.34
CA GLY A 100 9.97 -17.27 32.04
C GLY A 100 9.20 -16.36 32.98
N GLY A 101 7.88 -16.53 32.99
CA GLY A 101 7.01 -15.67 33.78
C GLY A 101 7.09 -15.95 35.26
N ARG A 102 7.45 -14.91 36.03
CA ARG A 102 7.66 -15.03 37.47
C ARG A 102 6.70 -14.17 38.28
N TYR A 103 6.54 -14.54 39.53
CA TYR A 103 5.85 -13.72 40.51
C TYR A 103 6.93 -13.24 41.48
N TYR A 104 6.79 -12.02 41.97
CA TYR A 104 7.83 -11.39 42.80
C TYR A 104 8.22 -12.18 44.05
N TYR A 105 7.23 -12.61 44.83
CA TYR A 105 7.45 -13.27 46.12
C TYR A 105 8.25 -14.57 46.02
N ASP A 106 8.31 -15.16 44.83
CA ASP A 106 8.96 -16.45 44.64
C ASP A 106 10.14 -16.32 43.69
N SER A 107 11.33 -16.52 44.23
CA SER A 107 12.57 -16.37 43.46
C SER A 107 13.08 -17.69 42.89
N SER A 108 12.28 -18.74 43.03
CA SER A 108 12.68 -20.03 42.50
C SER A 108 11.66 -20.51 41.48
N GLY A 109 10.39 -20.28 41.79
CA GLY A 109 9.30 -20.77 40.97
C GLY A 109 9.13 -20.07 39.64
N TYR A 110 8.50 -20.78 38.70
CA TYR A 110 8.21 -20.24 37.39
C TYR A 110 6.83 -20.73 36.97
N TYR A 111 5.97 -19.80 36.59
CA TYR A 111 4.56 -20.13 36.46
C TYR A 111 3.90 -19.89 35.09
N TYR A 112 4.32 -18.86 34.36
CA TYR A 112 3.64 -18.57 33.09
C TYR A 112 4.56 -18.35 31.89
N PHE A 113 3.98 -18.41 30.69
CA PHE A 113 4.73 -18.24 29.46
C PHE A 113 4.86 -16.78 29.07
N ASP A 114 6.09 -16.26 29.06
CA ASP A 114 6.27 -14.82 28.84
C ASP A 114 6.64 -14.49 27.39
N TYR A 115 7.63 -15.18 26.83
CA TYR A 115 8.02 -14.97 25.44
C TYR A 115 7.49 -16.10 24.56
N TRP A 116 6.97 -15.74 23.38
CA TRP A 116 6.39 -16.72 22.47
C TRP A 116 7.10 -16.77 21.13
N GLY A 117 7.15 -17.95 20.53
CA GLY A 117 7.65 -18.09 19.17
C GLY A 117 6.72 -17.37 18.20
N GLN A 118 7.13 -17.25 16.95
CA GLN A 118 6.30 -16.56 15.96
C GLN A 118 5.19 -17.48 15.44
N GLY A 119 5.35 -18.78 15.66
CA GLY A 119 4.34 -19.72 15.22
C GLY A 119 4.74 -20.42 13.94
N THR A 120 4.29 -21.66 13.81
CA THR A 120 4.58 -22.49 12.65
C THR A 120 3.29 -23.12 12.18
N LEU A 121 2.73 -22.58 11.11
CA LEU A 121 1.48 -23.10 10.58
C LEU A 121 1.73 -24.46 9.97
N VAL A 122 0.93 -25.44 10.37
CA VAL A 122 1.07 -26.78 9.82
C VAL A 122 -0.20 -27.19 9.08
N THR A 123 -0.07 -27.38 7.78
CA THR A 123 -1.19 -27.77 6.95
C THR A 123 -1.04 -29.21 6.46
N VAL A 124 -2.05 -30.03 6.69
CA VAL A 124 -1.99 -31.45 6.33
C VAL A 124 -3.22 -31.83 5.52
N SER A 125 -3.01 -32.37 4.31
CA SER A 125 -4.14 -32.74 3.46
C SER A 125 -3.88 -33.94 2.54
N SER A 126 -4.78 -34.92 2.58
CA SER A 126 -4.72 -36.09 1.69
C SER A 126 -5.66 -35.93 0.50
N ALA A 127 -6.24 -34.75 0.38
CA ALA A 127 -7.16 -34.47 -0.72
C ALA A 127 -6.41 -34.15 -2.01
N SER A 128 -6.78 -34.86 -3.07
CA SER A 128 -6.28 -34.55 -4.39
C SER A 128 -7.33 -33.69 -5.09
N THR A 129 -6.99 -33.17 -6.26
CA THR A 129 -7.89 -32.32 -7.04
C THR A 129 -9.24 -33.01 -7.26
N LYS A 130 -10.33 -32.28 -7.07
CA LYS A 130 -11.67 -32.83 -7.34
C LYS A 130 -12.72 -31.76 -7.67
N GLY A 131 -13.47 -31.99 -8.74
CA GLY A 131 -14.54 -31.11 -9.14
C GLY A 131 -15.73 -31.15 -8.20
N PRO A 132 -16.42 -30.02 -8.07
CA PRO A 132 -17.56 -29.91 -7.16
C PRO A 132 -18.78 -30.64 -7.70
N SER A 133 -19.72 -30.92 -6.81
CA SER A 133 -21.02 -31.40 -7.20
C SER A 133 -22.02 -30.32 -6.83
N VAL A 134 -22.84 -29.91 -7.78
CA VAL A 134 -23.73 -28.78 -7.55
C VAL A 134 -25.17 -29.20 -7.35
N PHE A 135 -25.84 -28.55 -6.39
CA PHE A 135 -27.24 -28.81 -6.14
C PHE A 135 -28.03 -27.52 -6.02
N PRO A 136 -29.28 -27.54 -6.49
CA PRO A 136 -30.14 -26.37 -6.43
C PRO A 136 -30.72 -26.18 -5.03
N LEU A 137 -30.90 -24.93 -4.62
CA LEU A 137 -31.59 -24.60 -3.37
C LEU A 137 -32.83 -23.77 -3.70
N ALA A 138 -33.98 -24.41 -3.65
CA ALA A 138 -35.21 -23.84 -4.20
C ALA A 138 -35.89 -22.85 -3.27
N PRO A 139 -36.60 -21.86 -3.85
CA PRO A 139 -37.43 -20.93 -3.09
C PRO A 139 -38.73 -21.56 -2.60
N GLY A 147 -42.72 -10.86 0.11
CA GLY A 147 -42.47 -9.81 -0.87
C GLY A 147 -41.23 -10.08 -1.69
N THR A 148 -40.27 -10.75 -1.06
CA THR A 148 -39.00 -11.09 -1.72
C THR A 148 -38.59 -12.53 -1.39
N ALA A 149 -37.95 -13.21 -2.34
CA ALA A 149 -37.61 -14.62 -2.17
C ALA A 149 -36.12 -14.89 -2.27
N ALA A 150 -35.70 -16.04 -1.77
CA ALA A 150 -34.29 -16.44 -1.77
C ALA A 150 -34.06 -17.81 -2.40
N LEU A 151 -33.10 -17.88 -3.31
CA LEU A 151 -32.75 -19.15 -3.94
C LEU A 151 -31.25 -19.22 -4.13
N GLY A 152 -30.72 -20.43 -4.24
CA GLY A 152 -29.29 -20.58 -4.35
C GLY A 152 -28.74 -21.91 -4.82
N CYS A 153 -27.41 -22.01 -4.80
CA CYS A 153 -26.71 -23.21 -5.24
C CYS A 153 -25.79 -23.75 -4.17
N LEU A 154 -25.85 -25.05 -3.96
CA LEU A 154 -24.91 -25.72 -3.09
C LEU A 154 -23.78 -26.28 -3.93
N VAL A 155 -22.57 -25.76 -3.71
CA VAL A 155 -21.39 -26.23 -4.41
C VAL A 155 -20.59 -27.05 -3.43
N LYS A 156 -20.56 -28.35 -3.67
CA LYS A 156 -20.19 -29.31 -2.64
C LYS A 156 -19.01 -30.20 -3.02
N ASP A 157 -18.13 -30.42 -2.04
CA ASP A 157 -17.03 -31.38 -2.13
C ASP A 157 -16.07 -31.18 -3.28
N TYR A 158 -15.25 -30.15 -3.17
CA TYR A 158 -14.29 -29.86 -4.22
C TYR A 158 -12.93 -29.50 -3.64
N PHE A 159 -11.91 -29.61 -4.47
CA PHE A 159 -10.55 -29.22 -4.10
C PHE A 159 -9.72 -29.01 -5.37
N PRO A 160 -8.87 -27.97 -5.37
CA PRO A 160 -8.78 -26.99 -4.30
C PRO A 160 -9.56 -25.75 -4.68
N GLU A 161 -9.51 -24.75 -3.82
CA GLU A 161 -10.03 -23.43 -4.16
C GLU A 161 -9.21 -22.92 -5.33
N PRO A 162 -9.75 -21.97 -6.09
CA PRO A 162 -11.07 -21.37 -5.92
C PRO A 162 -12.07 -22.01 -6.87
N VAL A 163 -13.32 -21.61 -6.71
CA VAL A 163 -14.37 -22.02 -7.63
C VAL A 163 -15.19 -20.76 -7.93
N THR A 164 -15.60 -20.59 -9.17
CA THR A 164 -16.36 -19.40 -9.54
C THR A 164 -17.83 -19.75 -9.69
N VAL A 165 -18.69 -18.86 -9.20
CA VAL A 165 -20.12 -19.03 -9.31
C VAL A 165 -20.68 -17.73 -9.86
N SER A 166 -21.45 -17.82 -10.93
CA SER A 166 -22.20 -16.67 -11.42
C SER A 166 -23.66 -17.09 -11.62
N TRP A 167 -24.52 -16.12 -11.87
CA TRP A 167 -25.94 -16.40 -12.06
C TRP A 167 -26.41 -15.88 -13.41
N ASN A 168 -27.09 -16.73 -14.16
CA ASN A 168 -27.54 -16.40 -15.50
C ASN A 168 -26.39 -15.88 -16.36
N SER A 169 -25.29 -16.63 -16.35
CA SER A 169 -24.11 -16.34 -17.16
C SER A 169 -23.49 -14.97 -16.87
N GLY A 170 -23.76 -14.43 -15.68
CA GLY A 170 -23.18 -13.15 -15.29
C GLY A 170 -24.15 -11.98 -15.39
N ALA A 171 -25.28 -12.20 -16.07
CA ALA A 171 -26.27 -11.15 -16.30
C ALA A 171 -26.89 -10.65 -15.00
N LEU A 172 -26.95 -11.53 -14.00
CA LEU A 172 -27.62 -11.26 -12.74
C LEU A 172 -26.60 -11.10 -11.62
N THR A 173 -26.43 -9.88 -11.14
CA THR A 173 -25.45 -9.60 -10.09
C THR A 173 -26.11 -9.08 -8.82
N SER A 174 -27.24 -8.39 -8.98
CA SER A 174 -27.91 -7.76 -7.85
C SER A 174 -28.59 -8.76 -6.93
N GLY A 175 -28.20 -8.74 -5.65
CA GLY A 175 -28.75 -9.64 -4.67
C GLY A 175 -27.98 -10.94 -4.56
N VAL A 176 -26.83 -11.01 -5.22
CA VAL A 176 -25.99 -12.19 -5.18
C VAL A 176 -25.05 -12.17 -3.97
N HIS A 177 -25.13 -13.21 -3.16
CA HIS A 177 -24.21 -13.38 -2.04
C HIS A 177 -23.60 -14.77 -2.10
N THR A 178 -22.33 -14.83 -2.49
CA THR A 178 -21.61 -16.09 -2.55
C THR A 178 -20.74 -16.26 -1.31
N PHE A 179 -21.11 -17.24 -0.50
CA PHE A 179 -20.50 -17.39 0.82
C PHE A 179 -19.15 -18.03 0.76
N PRO A 180 -18.21 -17.53 1.57
CA PRO A 180 -16.88 -18.13 1.74
C PRO A 180 -17.02 -19.61 2.02
N ALA A 181 -16.10 -20.42 1.50
CA ALA A 181 -16.26 -21.86 1.58
C ALA A 181 -15.88 -22.42 2.94
N VAL A 182 -16.57 -23.49 3.34
CA VAL A 182 -16.23 -24.23 4.54
C VAL A 182 -15.18 -25.27 4.19
N LEU A 183 -14.18 -25.41 5.06
CA LEU A 183 -13.19 -26.46 4.89
C LEU A 183 -13.57 -27.58 5.84
N GLN A 184 -13.88 -28.74 5.28
CA GLN A 184 -14.33 -29.88 6.07
C GLN A 184 -13.19 -30.79 6.49
N SER A 185 -13.47 -31.65 7.47
CA SER A 185 -12.48 -32.60 8.01
C SER A 185 -12.06 -33.66 7.00
N SER A 186 -12.83 -33.79 5.93
CA SER A 186 -12.51 -34.68 4.82
C SER A 186 -11.44 -34.06 3.94
N GLY A 187 -11.16 -32.78 4.16
CA GLY A 187 -10.18 -32.06 3.38
C GLY A 187 -10.77 -31.27 2.22
N LEU A 188 -12.05 -31.50 1.91
CA LEU A 188 -12.70 -30.86 0.77
C LEU A 188 -13.44 -29.58 1.16
N TYR A 189 -13.70 -28.71 0.19
CA TYR A 189 -14.42 -27.46 0.43
C TYR A 189 -15.86 -27.54 -0.04
N SER A 190 -16.70 -26.70 0.53
CA SER A 190 -18.03 -26.50 0.01
C SER A 190 -18.41 -25.06 0.24
N LEU A 191 -19.24 -24.53 -0.64
CA LEU A 191 -19.78 -23.20 -0.44
C LEU A 191 -21.20 -23.08 -0.98
N SER A 192 -21.84 -21.96 -0.69
CA SER A 192 -23.16 -21.72 -1.19
C SER A 192 -23.25 -20.36 -1.81
N SER A 193 -23.99 -20.26 -2.90
CA SER A 193 -24.24 -18.96 -3.48
C SER A 193 -25.72 -18.74 -3.41
N VAL A 194 -26.11 -17.54 -3.01
CA VAL A 194 -27.52 -17.24 -2.85
C VAL A 194 -27.85 -15.91 -3.48
N VAL A 195 -28.97 -15.88 -4.20
CA VAL A 195 -29.44 -14.66 -4.81
C VAL A 195 -30.87 -14.40 -4.34
N THR A 196 -31.12 -13.16 -3.97
CA THR A 196 -32.42 -12.74 -3.47
C THR A 196 -33.16 -12.04 -4.58
N VAL A 197 -34.35 -12.53 -4.92
CA VAL A 197 -35.12 -11.98 -6.04
C VAL A 197 -36.57 -11.77 -5.67
N PRO A 198 -37.25 -10.83 -6.34
CA PRO A 198 -38.68 -10.60 -6.07
C PRO A 198 -39.52 -11.83 -6.40
N SER A 199 -40.41 -12.19 -5.48
CA SER A 199 -41.21 -13.40 -5.58
C SER A 199 -42.10 -13.41 -6.83
N SER A 200 -42.49 -12.23 -7.28
CA SER A 200 -43.34 -12.10 -8.47
C SER A 200 -42.62 -12.64 -9.70
N SER A 201 -41.30 -12.51 -9.71
CA SER A 201 -40.50 -12.91 -10.86
C SER A 201 -40.29 -14.41 -10.90
N LEU A 202 -40.66 -15.09 -9.83
CA LEU A 202 -40.40 -16.53 -9.71
C LEU A 202 -41.05 -17.34 -10.84
N GLY A 203 -42.25 -16.94 -11.24
CA GLY A 203 -42.98 -17.69 -12.25
C GLY A 203 -42.62 -17.35 -13.69
N THR A 204 -42.01 -16.19 -13.89
CA THR A 204 -41.78 -15.68 -15.25
C THR A 204 -40.32 -15.37 -15.55
N GLN A 205 -39.41 -15.83 -14.69
CA GLN A 205 -37.98 -15.64 -14.93
C GLN A 205 -37.19 -16.89 -14.54
N THR A 206 -36.30 -17.30 -15.44
CA THR A 206 -35.46 -18.47 -15.18
C THR A 206 -34.20 -18.06 -14.43
N TYR A 207 -33.80 -18.86 -13.44
CA TYR A 207 -32.59 -18.59 -12.67
C TYR A 207 -31.63 -19.76 -12.74
N ILE A 208 -30.43 -19.50 -13.23
CA ILE A 208 -29.45 -20.55 -13.47
C ILE A 208 -28.14 -20.14 -12.82
N CYS A 209 -27.56 -21.05 -12.05
CA CYS A 209 -26.26 -20.80 -11.46
C CYS A 209 -25.20 -21.49 -12.30
N ASN A 210 -24.08 -20.81 -12.50
CA ASN A 210 -23.01 -21.31 -13.34
C ASN A 210 -21.76 -21.52 -12.52
N VAL A 211 -21.32 -22.77 -12.42
CA VAL A 211 -20.20 -23.09 -11.57
C VAL A 211 -19.01 -23.54 -12.42
N ASN A 212 -17.89 -22.87 -12.25
CA ASN A 212 -16.66 -23.25 -12.94
C ASN A 212 -15.54 -23.55 -11.97
N HIS A 213 -14.85 -24.65 -12.18
CA HIS A 213 -13.74 -25.05 -11.32
C HIS A 213 -12.55 -25.48 -12.18
N LYS A 214 -11.65 -24.54 -12.47
CA LYS A 214 -10.56 -24.78 -13.42
C LYS A 214 -9.66 -26.00 -13.18
N PRO A 215 -9.16 -26.20 -11.94
CA PRO A 215 -8.27 -27.35 -11.68
C PRO A 215 -8.85 -28.71 -12.07
N SER A 216 -10.16 -28.84 -12.13
CA SER A 216 -10.78 -30.12 -12.44
C SER A 216 -11.58 -30.00 -13.73
N ASN A 217 -11.49 -28.83 -14.36
CA ASN A 217 -12.20 -28.55 -15.61
C ASN A 217 -13.70 -28.83 -15.53
N THR A 218 -14.25 -28.72 -14.33
CA THR A 218 -15.66 -28.96 -14.12
C THR A 218 -16.45 -27.71 -14.48
N LYS A 219 -17.51 -27.89 -15.28
CA LYS A 219 -18.41 -26.80 -15.60
C LYS A 219 -19.87 -27.25 -15.53
N VAL A 220 -20.58 -26.78 -14.50
CA VAL A 220 -21.95 -27.18 -14.27
C VAL A 220 -22.89 -25.99 -14.32
N ASP A 221 -24.03 -26.16 -14.98
CA ASP A 221 -25.10 -25.19 -14.94
C ASP A 221 -26.32 -25.83 -14.24
N LYS A 222 -26.78 -25.22 -13.15
CA LYS A 222 -27.95 -25.70 -12.43
C LYS A 222 -29.09 -24.72 -12.55
N ARG A 223 -30.21 -25.17 -13.09
CA ARG A 223 -31.43 -24.41 -13.01
C ARG A 223 -31.96 -24.59 -11.59
N VAL A 224 -32.36 -23.48 -10.96
CA VAL A 224 -32.98 -23.56 -9.66
C VAL A 224 -34.47 -23.24 -9.82
N GLU A 225 -35.32 -24.23 -9.56
CA GLU A 225 -36.77 -24.08 -9.78
C GLU A 225 -37.55 -24.06 -8.48
N PRO A 226 -38.76 -23.46 -8.50
CA PRO A 226 -39.68 -23.55 -7.35
C PRO A 226 -40.04 -24.99 -6.99
N ASN B 1 -7.65 -31.11 35.70
CA ASN B 1 -8.45 -31.00 36.91
C ASN B 1 -9.55 -29.94 36.81
N PHE B 2 -9.43 -29.03 35.85
CA PHE B 2 -10.50 -28.05 35.61
C PHE B 2 -10.53 -27.43 34.22
N MET B 3 -11.51 -26.55 34.02
CA MET B 3 -11.68 -25.83 32.78
C MET B 3 -11.81 -24.36 33.10
N LEU B 4 -11.56 -23.52 32.11
CA LEU B 4 -11.79 -22.10 32.25
C LEU B 4 -12.72 -21.67 31.13
N THR B 5 -13.88 -21.14 31.52
CA THR B 5 -14.89 -20.78 30.55
C THR B 5 -15.01 -19.27 30.46
N GLN B 6 -14.86 -18.75 29.24
CA GLN B 6 -15.03 -17.33 28.98
C GLN B 6 -16.19 -17.14 28.03
N PRO B 7 -16.81 -15.95 28.04
CA PRO B 7 -17.78 -15.65 27.00
C PRO B 7 -17.14 -15.73 25.62
N HIS B 8 -17.91 -16.13 24.62
CA HIS B 8 -17.39 -16.23 23.26
C HIS B 8 -16.96 -14.87 22.77
N SER B 9 -17.70 -13.84 23.17
CA SER B 9 -17.51 -12.51 22.63
C SER B 9 -17.99 -11.42 23.58
N VAL B 10 -17.38 -10.24 23.48
CA VAL B 10 -17.85 -9.04 24.16
C VAL B 10 -17.55 -7.86 23.24
N SER B 11 -18.23 -6.74 23.47
CA SER B 11 -18.00 -5.54 22.68
C SER B 11 -18.39 -4.28 23.45
N GLU B 12 -17.76 -3.17 23.09
CA GLU B 12 -18.21 -1.84 23.53
C GLU B 12 -17.67 -0.75 22.61
N SER B 13 -18.06 0.49 22.89
CA SER B 13 -17.66 1.63 22.07
C SER B 13 -16.29 2.16 22.47
N PRO B 14 -15.61 2.86 21.54
CA PRO B 14 -14.38 3.58 21.87
C PRO B 14 -14.61 4.50 23.04
N GLY B 15 -13.75 4.42 24.05
CA GLY B 15 -13.88 5.26 25.23
C GLY B 15 -14.63 4.62 26.38
N LYS B 16 -15.49 3.65 26.09
CA LYS B 16 -16.23 2.96 27.14
C LYS B 16 -15.36 1.88 27.80
N THR B 17 -15.96 1.12 28.69
CA THR B 17 -15.22 0.10 29.44
C THR B 17 -15.91 -1.26 29.29
N VAL B 18 -15.13 -2.32 29.22
CA VAL B 18 -15.68 -3.66 29.02
C VAL B 18 -14.96 -4.67 29.92
N THR B 19 -15.60 -5.77 30.24
CA THR B 19 -15.02 -6.78 31.13
C THR B 19 -15.20 -8.21 30.59
N ILE B 20 -14.15 -9.02 30.69
CA ILE B 20 -14.22 -10.40 30.27
C ILE B 20 -14.06 -11.33 31.47
N SER B 21 -15.06 -12.17 31.72
CA SER B 21 -15.02 -13.10 32.84
C SER B 21 -14.33 -14.40 32.44
N CYS B 22 -13.84 -15.13 33.43
CA CYS B 22 -13.21 -16.43 33.24
C CYS B 22 -13.54 -17.24 34.47
N THR B 23 -14.39 -18.25 34.31
CA THR B 23 -14.92 -18.99 35.45
C THR B 23 -14.29 -20.37 35.59
N ARG B 24 -13.78 -20.69 36.78
CA ARG B 24 -13.16 -21.99 37.04
C ARG B 24 -14.21 -23.07 37.32
N SER B 25 -14.10 -24.20 36.63
CA SER B 25 -15.13 -25.22 36.71
C SER B 25 -15.10 -26.00 38.01
N SER B 26 -13.92 -26.11 38.60
CA SER B 26 -13.72 -27.00 39.73
C SER B 26 -12.57 -26.51 40.63
N GLY B 27 -12.82 -26.44 41.93
CA GLY B 27 -11.84 -25.93 42.87
C GLY B 27 -11.82 -24.41 42.86
N SER B 28 -11.27 -23.81 43.92
CA SER B 28 -11.29 -22.35 44.02
C SER B 28 -10.41 -21.63 42.99
N ILE B 29 -10.92 -20.52 42.49
CA ILE B 29 -10.21 -19.70 41.51
C ILE B 29 -9.00 -19.05 42.18
N ALA B 30 -9.07 -18.92 43.50
CA ALA B 30 -7.99 -18.28 44.27
C ALA B 30 -6.91 -19.27 44.65
N SER B 31 -7.10 -20.52 44.27
CA SER B 31 -6.11 -21.57 44.50
C SER B 31 -4.85 -21.38 43.66
N ASN B 32 -5.03 -20.87 42.43
CA ASN B 32 -3.90 -20.67 41.53
C ASN B 32 -4.03 -19.37 40.73
N TYR B 33 -2.94 -18.61 40.65
CA TYR B 33 -2.96 -17.31 39.98
C TYR B 33 -3.34 -17.38 38.50
N VAL B 34 -3.96 -16.29 38.02
CA VAL B 34 -4.47 -16.22 36.64
C VAL B 34 -3.63 -15.27 35.78
N GLN B 35 -3.39 -15.65 34.54
CA GLN B 35 -2.81 -14.76 33.55
C GLN B 35 -3.84 -14.42 32.48
N TRP B 36 -3.65 -13.28 31.81
CA TRP B 36 -4.48 -12.90 30.67
C TRP B 36 -3.58 -12.59 29.48
N TYR B 37 -3.87 -13.22 28.34
CA TYR B 37 -3.07 -13.00 27.16
C TYR B 37 -3.88 -12.32 26.05
N GLN B 38 -3.27 -11.36 25.37
CA GLN B 38 -3.88 -10.75 24.19
C GLN B 38 -3.31 -11.42 22.96
N GLN B 39 -4.16 -11.69 21.98
CA GLN B 39 -3.71 -12.23 20.70
C GLN B 39 -4.37 -11.49 19.54
N ARG B 40 -3.58 -10.84 18.72
CA ARG B 40 -4.07 -10.19 17.51
C ARG B 40 -3.99 -11.16 16.33
N PRO B 41 -4.88 -10.98 15.33
CA PRO B 41 -4.89 -11.81 14.12
C PRO B 41 -3.51 -11.86 13.47
N GLY B 42 -3.04 -13.06 13.16
CA GLY B 42 -1.67 -13.24 12.72
C GLY B 42 -0.69 -13.32 13.89
N SER B 43 -0.64 -12.26 14.70
CA SER B 43 0.31 -12.15 15.79
C SER B 43 0.24 -13.30 16.79
N SER B 44 1.35 -13.55 17.48
CA SER B 44 1.39 -14.51 18.58
C SER B 44 0.95 -13.82 19.89
N PRO B 45 0.60 -14.60 20.94
CA PRO B 45 0.02 -13.97 22.12
C PRO B 45 1.00 -13.18 22.99
N THR B 46 0.44 -12.23 23.74
CA THR B 46 1.18 -11.31 24.60
C THR B 46 0.53 -11.24 25.98
N THR B 47 1.33 -11.36 27.02
CA THR B 47 0.82 -11.20 28.38
C THR B 47 0.35 -9.78 28.63
N VAL B 48 -0.90 -9.62 29.09
CA VAL B 48 -1.39 -8.30 29.48
C VAL B 48 -1.57 -8.18 30.98
N ILE B 49 -1.93 -9.29 31.62
CA ILE B 49 -2.05 -9.34 33.07
C ILE B 49 -1.49 -10.67 33.59
N TYR B 50 -0.75 -10.61 34.69
CA TYR B 50 -0.28 -11.83 35.35
C TYR B 50 -0.54 -11.72 36.84
N GLU B 51 -0.45 -12.86 37.54
CA GLU B 51 -0.65 -12.90 39.00
C GLU B 51 -1.94 -12.17 39.39
N ASP B 52 -3.06 -12.57 38.76
CA ASP B 52 -4.39 -11.99 38.98
C ASP B 52 -4.55 -10.55 38.49
N ASN B 53 -3.62 -9.67 38.87
CA ASN B 53 -3.82 -8.24 38.63
C ASN B 53 -2.57 -7.42 38.31
N GLN B 54 -1.48 -8.08 37.96
CA GLN B 54 -0.24 -7.38 37.68
C GLN B 54 -0.03 -7.14 36.18
N ARG B 55 0.53 -5.97 35.85
CA ARG B 55 0.80 -5.61 34.46
C ARG B 55 2.28 -5.73 34.07
N PRO B 56 2.57 -6.51 33.04
CA PRO B 56 3.91 -6.51 32.44
C PRO B 56 4.27 -5.10 31.98
N SER B 57 5.57 -4.80 31.99
CA SER B 57 6.03 -3.48 31.59
C SER B 57 5.52 -3.16 30.19
N GLY B 58 5.05 -1.93 30.01
CA GLY B 58 4.57 -1.49 28.71
C GLY B 58 3.10 -1.76 28.49
N VAL B 59 2.46 -2.43 29.44
CA VAL B 59 1.01 -2.60 29.37
C VAL B 59 0.35 -1.41 30.07
N PRO B 60 -0.49 -0.69 29.34
CA PRO B 60 -1.13 0.54 29.84
C PRO B 60 -2.01 0.23 31.04
N ASP B 61 -2.15 1.19 31.96
CA ASP B 61 -2.97 0.99 33.16
C ASP B 61 -4.48 0.89 32.86
N ARG B 62 -4.84 1.00 31.58
CA ARG B 62 -6.22 0.80 31.14
C ARG B 62 -6.62 -0.65 31.37
N PHE B 63 -5.63 -1.54 31.29
CA PHE B 63 -5.83 -2.98 31.50
C PHE B 63 -5.68 -3.34 32.96
N SER B 64 -6.62 -4.11 33.48
CA SER B 64 -6.50 -4.60 34.85
C SER B 64 -7.26 -5.89 35.06
N GLY B 65 -6.97 -6.55 36.17
CA GLY B 65 -7.57 -7.84 36.49
C GLY B 65 -8.07 -7.89 37.91
N SER B 66 -9.00 -8.81 38.17
CA SER B 66 -9.54 -8.99 39.50
C SER B 66 -10.05 -10.41 39.69
N ILE B 67 -10.40 -10.75 40.92
CA ILE B 67 -10.91 -12.08 41.25
C ILE B 67 -12.24 -11.94 41.98
N ASP B 68 -13.22 -12.75 41.58
CA ASP B 68 -14.51 -12.77 42.26
C ASP B 68 -14.74 -14.15 42.87
N SER B 69 -14.55 -14.24 44.18
CA SER B 69 -14.61 -15.50 44.89
C SER B 69 -16.01 -16.09 44.86
N SER B 70 -17.02 -15.23 44.96
CA SER B 70 -18.41 -15.66 45.03
C SER B 70 -18.84 -16.42 43.79
N SER B 71 -18.27 -16.03 42.64
CA SER B 71 -18.61 -16.66 41.37
C SER B 71 -17.45 -17.51 40.84
N ASN B 72 -16.42 -17.64 41.66
CA ASN B 72 -15.26 -18.47 41.34
C ASN B 72 -14.67 -18.08 39.99
N SER B 73 -14.60 -16.77 39.75
CA SER B 73 -14.20 -16.27 38.44
C SER B 73 -13.10 -15.21 38.47
N ALA B 74 -12.34 -15.16 37.39
CA ALA B 74 -11.35 -14.12 37.18
C ALA B 74 -11.90 -13.17 36.14
N SER B 75 -11.43 -11.93 36.13
CA SER B 75 -11.93 -10.98 35.15
C SER B 75 -10.84 -10.05 34.60
N LEU B 76 -10.89 -9.82 33.30
CA LEU B 76 -10.05 -8.81 32.66
C LEU B 76 -10.92 -7.60 32.39
N THR B 77 -10.45 -6.42 32.79
CA THR B 77 -11.20 -5.21 32.48
C THR B 77 -10.33 -4.28 31.66
N ILE B 78 -10.93 -3.71 30.61
CA ILE B 78 -10.25 -2.75 29.76
C ILE B 78 -11.09 -1.49 29.69
N SER B 79 -10.60 -0.41 30.30
CA SER B 79 -11.26 0.89 30.23
C SER B 79 -10.53 1.77 29.22
N GLY B 80 -11.14 2.89 28.87
CA GLY B 80 -10.59 3.75 27.84
C GLY B 80 -10.37 2.96 26.56
N LEU B 81 -11.39 2.20 26.16
CA LEU B 81 -11.30 1.32 25.00
C LEU B 81 -10.87 2.07 23.75
N LYS B 82 -9.91 1.49 23.05
CA LYS B 82 -9.39 2.07 21.81
C LYS B 82 -9.45 1.00 20.74
N THR B 83 -9.56 1.40 19.48
CA THR B 83 -9.75 0.45 18.38
C THR B 83 -8.67 -0.63 18.32
N GLU B 84 -7.47 -0.32 18.80
CA GLU B 84 -6.38 -1.28 18.73
C GLU B 84 -6.48 -2.36 19.80
N ASP B 85 -7.45 -2.24 20.70
CA ASP B 85 -7.65 -3.27 21.73
C ASP B 85 -8.35 -4.50 21.16
N GLU B 86 -8.93 -4.34 19.98
CA GLU B 86 -9.64 -5.42 19.29
C GLU B 86 -8.75 -6.64 19.05
N ALA B 87 -9.09 -7.74 19.70
CA ALA B 87 -8.27 -8.95 19.68
C ALA B 87 -8.98 -10.09 20.40
N ASP B 88 -8.37 -11.27 20.39
CA ASP B 88 -8.85 -12.38 21.21
C ASP B 88 -8.14 -12.32 22.57
N TYR B 89 -8.86 -12.63 23.64
CA TYR B 89 -8.25 -12.64 24.97
C TYR B 89 -8.45 -13.96 25.70
N TYR B 90 -7.36 -14.55 26.15
CA TYR B 90 -7.39 -15.85 26.83
C TYR B 90 -6.94 -15.72 28.28
N CYS B 91 -7.76 -16.19 29.20
CA CYS B 91 -7.31 -16.34 30.58
C CYS B 91 -6.48 -17.62 30.64
N GLN B 92 -5.71 -17.80 31.70
CA GLN B 92 -4.82 -18.94 31.80
C GLN B 92 -4.49 -19.18 33.25
N SER B 93 -4.46 -20.44 33.66
CA SER B 93 -4.13 -20.78 35.02
C SER B 93 -3.45 -22.14 35.09
N TYR B 94 -3.18 -22.61 36.31
CA TYR B 94 -2.32 -23.79 36.54
C TYR B 94 -2.96 -24.81 37.46
N ASP B 95 -2.65 -26.08 37.19
CA ASP B 95 -3.27 -27.22 37.83
C ASP B 95 -2.48 -27.66 39.05
N SER B 96 -1.25 -27.15 39.13
CA SER B 96 -0.13 -27.67 39.92
C SER B 96 0.66 -28.70 39.10
N SER B 97 0.20 -28.97 37.88
CA SER B 97 0.89 -29.91 37.00
C SER B 97 0.67 -29.59 35.52
N SER B 98 -0.49 -29.03 35.20
CA SER B 98 -0.85 -28.76 33.81
C SER B 98 -1.41 -27.36 33.62
N TRP B 99 -1.03 -26.74 32.51
CA TRP B 99 -1.52 -25.41 32.18
C TRP B 99 -2.90 -25.44 31.52
N VAL B 100 -3.79 -24.59 32.01
CA VAL B 100 -5.15 -24.53 31.48
C VAL B 100 -5.44 -23.18 30.85
N PHE B 101 -5.92 -23.20 29.62
CA PHE B 101 -6.32 -21.98 28.93
C PHE B 101 -7.84 -21.87 28.84
N GLY B 102 -8.35 -20.64 28.85
CA GLY B 102 -9.76 -20.41 28.64
C GLY B 102 -10.08 -20.57 27.16
N GLY B 103 -11.36 -20.67 26.84
CA GLY B 103 -11.77 -20.88 25.47
C GLY B 103 -11.38 -19.77 24.52
N GLY B 104 -11.28 -18.55 25.05
CA GLY B 104 -11.02 -17.40 24.22
C GLY B 104 -12.24 -16.50 24.13
N THR B 105 -12.00 -15.19 24.06
CA THR B 105 -13.07 -14.23 23.97
C THR B 105 -12.71 -13.20 22.91
N LYS B 106 -13.50 -13.16 21.84
CA LYS B 106 -13.31 -12.16 20.79
C LYS B 106 -13.81 -10.81 21.27
N LEU B 107 -12.89 -9.85 21.34
CA LEU B 107 -13.23 -8.50 21.75
C LEU B 107 -13.42 -7.67 20.51
N THR B 108 -14.58 -7.02 20.41
CA THR B 108 -14.84 -6.12 19.30
C THR B 108 -14.98 -4.69 19.80
N VAL B 109 -14.20 -3.78 19.23
CA VAL B 109 -14.40 -2.37 19.47
C VAL B 109 -15.32 -1.83 18.39
N LEU B 110 -16.54 -1.46 18.77
CA LEU B 110 -17.61 -1.13 17.82
C LEU B 110 -17.30 0.06 16.92
N GLY B 111 -17.58 -0.09 15.63
CA GLY B 111 -17.39 0.99 14.66
C GLY B 111 -18.66 1.34 13.90
N GLN B 112 -19.71 0.58 14.18
CA GLN B 112 -21.00 0.71 13.51
C GLN B 112 -22.03 0.09 14.44
N PRO B 113 -23.33 0.32 14.19
CA PRO B 113 -24.33 -0.21 15.12
C PRO B 113 -24.28 -1.73 15.22
N LYS B 114 -24.70 -2.29 16.35
CA LYS B 114 -24.83 -3.74 16.45
C LYS B 114 -25.86 -4.17 15.42
N ALA B 115 -25.70 -5.38 14.88
CA ALA B 115 -26.57 -5.85 13.81
C ALA B 115 -26.90 -7.31 14.01
N ALA B 116 -28.19 -7.60 14.17
CA ALA B 116 -28.63 -8.99 14.27
C ALA B 116 -28.47 -9.70 12.92
N PRO B 117 -28.05 -10.98 12.95
CA PRO B 117 -27.84 -11.82 11.76
C PRO B 117 -29.13 -12.28 11.09
N SER B 118 -29.18 -12.17 9.77
CA SER B 118 -30.25 -12.80 8.99
C SER B 118 -29.90 -14.27 8.77
N VAL B 119 -30.85 -15.15 9.02
CA VAL B 119 -30.60 -16.58 8.87
C VAL B 119 -31.51 -17.20 7.82
N THR B 120 -30.91 -17.84 6.83
CA THR B 120 -31.65 -18.57 5.80
C THR B 120 -31.31 -20.05 5.87
N LEU B 121 -32.33 -20.90 6.03
CA LEU B 121 -32.08 -22.33 6.17
C LEU B 121 -32.71 -23.14 5.03
N PHE B 122 -31.89 -23.95 4.37
CA PHE B 122 -32.35 -24.78 3.26
C PHE B 122 -32.27 -26.26 3.59
N PRO B 123 -33.31 -27.03 3.22
CA PRO B 123 -33.38 -28.48 3.38
C PRO B 123 -32.63 -29.16 2.23
N PRO B 124 -32.43 -30.49 2.30
CA PRO B 124 -31.81 -31.19 1.18
C PRO B 124 -32.62 -31.02 -0.09
N SER B 125 -31.95 -30.86 -1.22
CA SER B 125 -32.64 -30.81 -2.50
C SER B 125 -33.13 -32.20 -2.84
N SER B 126 -34.15 -32.27 -3.69
CA SER B 126 -34.68 -33.56 -4.13
C SER B 126 -33.60 -34.28 -4.90
N GLU B 127 -32.78 -33.50 -5.60
CA GLU B 127 -31.73 -34.05 -6.46
C GLU B 127 -30.61 -34.69 -5.64
N GLU B 128 -30.20 -34.01 -4.57
CA GLU B 128 -29.17 -34.54 -3.68
C GLU B 128 -29.64 -35.81 -2.97
N LEU B 129 -30.88 -35.80 -2.50
CA LEU B 129 -31.47 -36.97 -1.87
C LEU B 129 -31.48 -38.16 -2.82
N GLN B 130 -31.68 -37.88 -4.11
CA GLN B 130 -31.66 -38.94 -5.11
C GLN B 130 -30.28 -39.59 -5.14
N ALA B 131 -29.25 -38.85 -4.73
CA ALA B 131 -27.89 -39.34 -4.78
C ALA B 131 -27.51 -40.06 -3.49
N ASN B 132 -28.51 -40.26 -2.63
CA ASN B 132 -28.34 -40.87 -1.30
C ASN B 132 -27.50 -40.03 -0.32
N LYS B 133 -27.50 -38.72 -0.52
CA LYS B 133 -26.90 -37.79 0.42
C LYS B 133 -27.90 -36.71 0.82
N ALA B 134 -27.58 -35.95 1.86
CA ALA B 134 -28.51 -34.97 2.43
C ALA B 134 -27.76 -33.90 3.20
N THR B 135 -27.98 -32.63 2.84
CA THR B 135 -27.24 -31.52 3.43
C THR B 135 -28.11 -30.32 3.80
N LEU B 136 -28.12 -29.98 5.08
CA LEU B 136 -28.86 -28.80 5.54
C LEU B 136 -27.93 -27.59 5.47
N VAL B 137 -28.41 -26.52 4.84
CA VAL B 137 -27.57 -25.35 4.61
C VAL B 137 -28.11 -24.13 5.34
N CYS B 138 -27.30 -23.59 6.25
CA CYS B 138 -27.71 -22.46 7.06
C CYS B 138 -26.79 -21.29 6.76
N LEU B 139 -27.33 -20.28 6.09
CA LEU B 139 -26.52 -19.15 5.67
C LEU B 139 -26.78 -17.93 6.54
N ILE B 140 -25.71 -17.38 7.11
CA ILE B 140 -25.81 -16.32 8.10
C ILE B 140 -25.13 -15.06 7.57
N SER B 141 -25.82 -13.93 7.67
CA SER B 141 -25.33 -12.72 7.04
C SER B 141 -25.74 -11.43 7.76
N ASP B 142 -24.98 -10.37 7.52
CA ASP B 142 -25.30 -9.04 8.02
C ASP B 142 -25.22 -8.86 9.54
N PHE B 143 -24.40 -9.67 10.20
CA PHE B 143 -24.26 -9.56 11.66
C PHE B 143 -22.99 -8.82 12.10
N TYR B 144 -23.16 -7.84 12.98
CA TYR B 144 -22.04 -7.12 13.58
C TYR B 144 -22.30 -6.92 15.06
N PRO B 145 -21.29 -7.16 15.91
CA PRO B 145 -19.94 -7.65 15.61
C PRO B 145 -19.90 -9.04 14.97
N GLY B 146 -18.78 -9.38 14.35
CA GLY B 146 -18.62 -10.66 13.67
C GLY B 146 -18.30 -11.81 14.59
N ALA B 147 -19.25 -12.17 15.45
CA ALA B 147 -19.09 -13.33 16.32
C ALA B 147 -20.42 -14.01 16.52
N VAL B 148 -20.51 -15.26 16.08
CA VAL B 148 -21.70 -16.05 16.25
C VAL B 148 -21.40 -17.44 16.75
N THR B 149 -22.42 -18.03 17.35
CA THR B 149 -22.40 -19.38 17.85
C THR B 149 -23.53 -20.11 17.13
N VAL B 150 -23.23 -21.26 16.56
CA VAL B 150 -24.23 -22.00 15.80
C VAL B 150 -24.52 -23.35 16.45
N ALA B 151 -25.79 -23.59 16.75
CA ALA B 151 -26.20 -24.88 17.28
C ALA B 151 -27.23 -25.53 16.36
N TRP B 152 -27.08 -26.83 16.14
CA TRP B 152 -28.04 -27.56 15.31
C TRP B 152 -28.91 -28.45 16.19
N LYS B 153 -30.16 -28.64 15.79
CA LYS B 153 -31.08 -29.46 16.56
C LYS B 153 -31.82 -30.44 15.69
N ALA B 154 -31.81 -31.71 16.08
CA ALA B 154 -32.73 -32.67 15.52
C ALA B 154 -33.91 -32.83 16.48
N ASP B 155 -35.04 -32.24 16.11
CA ASP B 155 -36.21 -32.11 17.00
C ASP B 155 -35.91 -31.17 18.17
N SER B 156 -35.46 -31.73 19.29
CA SER B 156 -35.08 -30.92 20.43
C SER B 156 -33.62 -31.18 20.77
N SER B 157 -33.13 -32.32 20.31
CA SER B 157 -31.81 -32.82 20.68
C SER B 157 -30.71 -32.13 19.88
N PRO B 158 -29.64 -31.72 20.57
CA PRO B 158 -28.51 -31.08 19.90
C PRO B 158 -27.88 -32.02 18.89
N VAL B 159 -27.21 -31.46 17.89
CA VAL B 159 -26.47 -32.25 16.94
C VAL B 159 -25.09 -31.61 16.75
N LYS B 160 -24.05 -32.43 16.83
CA LYS B 160 -22.70 -31.94 16.56
C LYS B 160 -21.97 -32.80 15.53
N ALA B 161 -22.42 -34.04 15.36
CA ALA B 161 -21.87 -34.91 14.32
C ALA B 161 -22.38 -34.53 12.94
N GLY B 162 -21.47 -34.16 12.05
CA GLY B 162 -21.84 -33.76 10.71
C GLY B 162 -22.12 -32.28 10.59
N VAL B 163 -21.52 -31.50 11.49
CA VAL B 163 -21.67 -30.06 11.47
C VAL B 163 -20.37 -29.41 11.03
N GLU B 164 -20.43 -28.59 10.00
CA GLU B 164 -19.25 -27.84 9.58
C GLU B 164 -19.61 -26.38 9.58
N THR B 165 -18.80 -25.57 10.24
CA THR B 165 -19.10 -24.16 10.42
C THR B 165 -17.88 -23.32 10.09
N THR B 166 -18.08 -22.27 9.32
CA THR B 166 -16.99 -21.37 9.02
C THR B 166 -16.87 -20.32 10.10
N THR B 167 -15.71 -19.67 10.15
CA THR B 167 -15.55 -18.45 10.91
C THR B 167 -16.24 -17.33 10.14
N PRO B 168 -16.63 -16.26 10.82
CA PRO B 168 -17.24 -15.15 10.07
C PRO B 168 -16.24 -14.53 9.08
N SER B 169 -16.75 -13.81 8.10
CA SER B 169 -15.93 -13.15 7.10
C SER B 169 -16.57 -11.82 6.79
N LYS B 170 -15.76 -10.80 6.52
CA LYS B 170 -16.29 -9.49 6.20
C LYS B 170 -17.02 -9.53 4.86
N GLN B 171 -18.22 -8.96 4.84
CA GLN B 171 -18.98 -8.81 3.60
C GLN B 171 -18.56 -7.52 2.94
N SER B 172 -19.13 -7.24 1.77
CA SER B 172 -18.82 -6.02 1.04
C SER B 172 -19.33 -4.77 1.76
N ASN B 173 -20.39 -4.94 2.54
CA ASN B 173 -21.01 -3.82 3.24
C ASN B 173 -20.45 -3.57 4.64
N ASN B 174 -19.32 -4.22 4.94
CA ASN B 174 -18.63 -4.12 6.24
C ASN B 174 -19.21 -4.89 7.43
N LYS B 175 -20.35 -5.52 7.23
CA LYS B 175 -20.89 -6.43 8.24
C LYS B 175 -20.31 -7.81 7.96
N TYR B 176 -20.70 -8.81 8.74
CA TYR B 176 -20.10 -10.14 8.59
C TYR B 176 -21.04 -11.23 8.03
N ALA B 177 -20.44 -12.34 7.58
CA ALA B 177 -21.21 -13.48 7.08
C ALA B 177 -20.57 -14.81 7.44
N ALA B 178 -21.40 -15.82 7.64
CA ALA B 178 -20.93 -17.16 7.96
C ALA B 178 -21.94 -18.18 7.48
N SER B 179 -21.50 -19.43 7.40
CA SER B 179 -22.39 -20.52 6.99
C SER B 179 -22.09 -21.80 7.76
N SER B 180 -23.12 -22.60 7.95
CA SER B 180 -22.98 -23.84 8.68
C SER B 180 -23.70 -24.94 7.91
N TYR B 181 -23.13 -26.14 7.94
CA TYR B 181 -23.65 -27.25 7.15
C TYR B 181 -23.86 -28.49 8.01
N LEU B 182 -25.04 -29.11 7.87
CA LEU B 182 -25.30 -30.36 8.56
C LEU B 182 -25.45 -31.50 7.57
N SER B 183 -24.59 -32.50 7.69
CA SER B 183 -24.63 -33.65 6.78
C SER B 183 -25.41 -34.83 7.34
N LEU B 184 -26.46 -35.22 6.63
CA LEU B 184 -27.28 -36.36 7.04
C LEU B 184 -27.31 -37.46 5.97
N THR B 185 -27.74 -38.65 6.37
CA THR B 185 -28.15 -39.67 5.43
C THR B 185 -29.63 -39.41 5.26
N PRO B 186 -30.17 -39.70 4.07
CA PRO B 186 -31.58 -39.46 3.76
C PRO B 186 -32.54 -39.98 4.83
N GLU B 187 -32.15 -41.07 5.48
CA GLU B 187 -33.02 -41.69 6.48
C GLU B 187 -33.05 -40.85 7.75
N GLN B 188 -31.89 -40.33 8.14
CA GLN B 188 -31.83 -39.44 9.31
C GLN B 188 -32.67 -38.19 9.07
N TRP B 189 -32.69 -37.71 7.83
CA TRP B 189 -33.46 -36.53 7.49
C TRP B 189 -34.94 -36.84 7.44
N LYS B 190 -35.26 -38.07 7.06
CA LYS B 190 -36.65 -38.50 6.90
C LYS B 190 -37.30 -38.85 8.24
N SER B 191 -36.47 -39.23 9.21
CA SER B 191 -36.98 -39.82 10.47
C SER B 191 -36.95 -38.86 11.66
N HIS B 192 -36.95 -37.56 11.37
CA HIS B 192 -37.15 -36.56 12.41
C HIS B 192 -38.22 -35.61 11.96
N ARG B 193 -38.97 -35.05 12.90
CA ARG B 193 -40.07 -34.15 12.55
C ARG B 193 -39.56 -32.83 12.00
N SER B 194 -38.37 -32.42 12.42
CA SER B 194 -37.78 -31.16 11.97
C SER B 194 -36.32 -31.03 12.39
N TYR B 195 -35.63 -30.08 11.77
CA TYR B 195 -34.26 -29.73 12.15
C TYR B 195 -34.16 -28.22 12.25
N SER B 196 -33.36 -27.72 13.18
CA SER B 196 -33.29 -26.29 13.38
C SER B 196 -31.86 -25.79 13.39
N CYS B 197 -31.69 -24.57 12.90
CA CYS B 197 -30.41 -23.89 12.90
C CYS B 197 -30.47 -22.75 13.91
N GLN B 198 -29.56 -22.73 14.87
CA GLN B 198 -29.63 -21.73 15.92
C GLN B 198 -28.39 -20.83 15.95
N VAL B 199 -28.61 -19.55 15.74
CA VAL B 199 -27.52 -18.61 15.63
C VAL B 199 -27.54 -17.61 16.77
N THR B 200 -26.62 -17.79 17.71
CA THR B 200 -26.54 -16.89 18.85
C THR B 200 -25.63 -15.73 18.53
N HIS B 201 -26.14 -14.52 18.70
CA HIS B 201 -25.35 -13.33 18.45
C HIS B 201 -25.60 -12.28 19.52
N GLU B 202 -24.54 -11.90 20.23
CA GLU B 202 -24.63 -10.90 21.29
C GLU B 202 -25.71 -11.22 22.32
N GLY B 203 -25.82 -12.48 22.69
CA GLY B 203 -26.75 -12.89 23.72
C GLY B 203 -28.08 -13.46 23.25
N SER B 204 -28.61 -12.92 22.15
CA SER B 204 -29.90 -13.38 21.63
C SER B 204 -29.74 -14.41 20.50
N THR B 205 -30.73 -15.28 20.37
CA THR B 205 -30.68 -16.38 19.42
C THR B 205 -31.65 -16.18 18.26
N VAL B 206 -31.16 -16.38 17.04
CA VAL B 206 -32.03 -16.36 15.86
C VAL B 206 -32.14 -17.79 15.36
N GLU B 207 -33.32 -18.17 14.90
CA GLU B 207 -33.59 -19.58 14.61
C GLU B 207 -34.40 -19.79 13.36
N LYS B 208 -34.13 -20.89 12.67
CA LYS B 208 -34.90 -21.29 11.50
C LYS B 208 -35.05 -22.81 11.52
N THR B 209 -36.19 -23.28 11.05
CA THR B 209 -36.51 -24.71 11.12
C THR B 209 -37.07 -25.24 9.81
N VAL B 210 -36.60 -26.41 9.38
CA VAL B 210 -37.15 -27.09 8.21
C VAL B 210 -37.64 -28.49 8.55
N ALA B 211 -38.56 -29.00 7.74
CA ALA B 211 -39.11 -30.33 7.98
C ALA B 211 -39.28 -31.12 6.69
N PRO B 212 -39.03 -32.43 6.75
CA PRO B 212 -39.11 -33.32 5.58
C PRO B 212 -40.53 -33.49 5.04
N THR B 213 -41.50 -32.83 5.69
CA THR B 213 -42.88 -32.84 5.23
C THR B 213 -43.24 -31.47 4.64
N GLU B 214 -42.20 -30.75 4.21
CA GLU B 214 -42.31 -29.42 3.59
C GLU B 214 -42.91 -28.39 4.52
N GLU C 1 42.10 31.18 -18.40
CA GLU C 1 42.13 32.61 -18.06
C GLU C 1 40.73 33.20 -17.97
N VAL C 2 39.91 32.93 -18.99
CA VAL C 2 38.57 33.51 -19.12
C VAL C 2 37.61 33.07 -18.00
N GLN C 3 36.91 34.04 -17.42
CA GLN C 3 36.00 33.77 -16.33
C GLN C 3 34.82 34.73 -16.33
N LEU C 4 33.61 34.16 -16.28
CA LEU C 4 32.40 34.94 -16.07
C LEU C 4 31.87 34.68 -14.66
N VAL C 5 31.75 35.76 -13.90
CA VAL C 5 31.35 35.67 -12.51
C VAL C 5 30.09 36.48 -12.25
N GLN C 6 29.00 35.80 -11.95
CA GLN C 6 27.73 36.46 -11.69
C GLN C 6 27.51 36.70 -10.21
N SER C 7 26.53 37.52 -9.87
CA SER C 7 26.20 37.82 -8.48
C SER C 7 25.71 36.57 -7.74
N GLY C 8 25.81 36.60 -6.41
CA GLY C 8 25.37 35.49 -5.58
C GLY C 8 23.87 35.27 -5.63
N ALA C 9 23.41 34.19 -4.99
CA ALA C 9 21.99 33.82 -5.03
C ALA C 9 21.12 34.96 -4.52
N GLU C 10 19.95 35.12 -5.13
CA GLU C 10 19.04 36.20 -4.75
C GLU C 10 17.70 35.68 -4.24
N VAL C 11 17.26 36.25 -3.13
CA VAL C 11 15.98 35.89 -2.53
C VAL C 11 15.12 37.13 -2.44
N LYS C 12 14.09 37.20 -3.30
CA LYS C 12 13.26 38.40 -3.40
C LYS C 12 11.78 38.10 -3.30
N LYS C 13 10.97 39.15 -3.28
CA LYS C 13 9.51 39.03 -3.16
C LYS C 13 8.82 39.71 -4.34
N PRO C 14 7.78 39.07 -4.89
CA PRO C 14 7.01 39.59 -6.03
C PRO C 14 6.59 41.05 -5.84
N GLY C 15 6.96 41.90 -6.79
CA GLY C 15 6.70 43.32 -6.70
C GLY C 15 7.97 44.12 -6.59
N GLU C 16 9.03 43.51 -6.06
CA GLU C 16 10.31 44.17 -5.89
C GLU C 16 11.12 44.26 -7.20
N SER C 17 12.11 45.16 -7.21
CA SER C 17 13.00 45.32 -8.34
C SER C 17 14.29 44.56 -8.08
N LEU C 18 14.89 44.03 -9.15
CA LEU C 18 16.10 43.22 -9.03
C LEU C 18 17.07 43.49 -10.18
N LYS C 19 18.36 43.45 -9.88
CA LYS C 19 19.39 43.69 -10.87
C LYS C 19 20.58 42.78 -10.62
N ILE C 20 20.68 41.68 -11.37
CA ILE C 20 21.79 40.76 -11.22
C ILE C 20 22.88 41.05 -12.24
N SER C 21 24.11 40.74 -11.87
CA SER C 21 25.25 41.17 -12.68
C SER C 21 26.10 40.00 -13.14
N CYS C 22 26.99 40.29 -14.09
CA CYS C 22 27.91 39.32 -14.66
C CYS C 22 29.24 40.00 -14.93
N LYS C 23 30.31 39.52 -14.31
CA LYS C 23 31.60 40.18 -14.39
C LYS C 23 32.61 39.31 -15.15
N GLY C 24 33.03 39.79 -16.32
CA GLY C 24 33.93 39.02 -17.18
C GLY C 24 35.38 39.46 -17.10
N SER C 25 36.27 38.50 -16.89
CA SER C 25 37.68 38.79 -16.82
C SER C 25 38.47 37.79 -17.66
N GLY C 26 39.67 38.17 -18.08
CA GLY C 26 40.54 37.26 -18.80
C GLY C 26 40.45 37.44 -20.31
N TYR C 27 39.75 38.48 -20.73
CA TYR C 27 39.60 38.77 -22.15
C TYR C 27 39.11 40.19 -22.33
N SER C 28 39.18 40.68 -23.57
CA SER C 28 38.75 42.04 -23.87
C SER C 28 37.24 42.10 -23.82
N PHE C 29 36.73 42.68 -22.75
CA PHE C 29 35.30 42.63 -22.48
C PHE C 29 34.45 43.38 -23.52
N THR C 30 34.98 44.48 -24.04
CA THR C 30 34.21 45.28 -25.00
C THR C 30 34.31 44.75 -26.43
N SER C 31 34.99 43.63 -26.61
CA SER C 31 35.19 43.06 -27.94
C SER C 31 34.27 41.87 -28.24
N TYR C 32 33.47 41.45 -27.26
CA TYR C 32 32.60 40.29 -27.40
C TYR C 32 31.18 40.50 -26.86
N TRP C 33 30.19 39.92 -27.54
CA TRP C 33 28.80 39.97 -27.10
C TRP C 33 28.54 39.17 -25.81
N ILE C 34 27.61 39.65 -24.99
CA ILE C 34 27.18 38.90 -23.81
C ILE C 34 25.70 38.54 -23.93
N GLY C 35 25.38 37.27 -23.68
CA GLY C 35 23.99 36.83 -23.73
C GLY C 35 23.43 36.42 -22.38
N TRP C 36 22.13 36.59 -22.20
CA TRP C 36 21.47 36.15 -20.99
C TRP C 36 20.52 35.01 -21.28
N VAL C 37 20.64 33.93 -20.50
CA VAL C 37 19.80 32.75 -20.66
C VAL C 37 18.99 32.50 -19.38
N ARG C 38 17.76 32.02 -19.53
CA ARG C 38 16.91 31.64 -18.40
C ARG C 38 16.76 30.12 -18.32
N GLN C 39 16.67 29.59 -17.09
CA GLN C 39 16.37 28.18 -16.90
C GLN C 39 15.51 27.95 -15.66
N MET C 40 14.19 28.04 -15.85
CA MET C 40 13.23 27.77 -14.80
C MET C 40 13.40 26.33 -14.29
N PRO C 41 13.06 26.08 -13.01
CA PRO C 41 13.37 24.79 -12.37
C PRO C 41 12.86 23.59 -13.14
N GLY C 42 13.75 22.65 -13.43
CA GLY C 42 13.41 21.43 -14.14
C GLY C 42 13.20 21.63 -15.63
N LYS C 43 13.30 22.88 -16.09
CA LYS C 43 13.04 23.17 -17.50
C LYS C 43 14.34 23.38 -18.30
N GLY C 44 14.19 23.82 -19.54
CA GLY C 44 15.30 23.92 -20.45
C GLY C 44 15.81 25.34 -20.61
N LEU C 45 16.77 25.51 -21.52
CA LEU C 45 17.39 26.80 -21.74
C LEU C 45 16.56 27.68 -22.68
N GLU C 46 16.50 28.97 -22.39
CA GLU C 46 15.74 29.93 -23.18
C GLU C 46 16.60 31.17 -23.37
N TRP C 47 16.87 31.56 -24.61
CA TRP C 47 17.64 32.78 -24.83
C TRP C 47 16.79 34.02 -24.57
N MET C 48 17.30 34.92 -23.72
CA MET C 48 16.56 36.11 -23.32
C MET C 48 16.92 37.35 -24.14
N GLY C 49 18.22 37.56 -24.33
CA GLY C 49 18.69 38.74 -25.03
C GLY C 49 20.21 38.74 -25.14
N ILE C 50 20.73 39.73 -25.86
CA ILE C 50 22.18 39.84 -26.04
C ILE C 50 22.56 41.32 -26.08
N ILE C 51 23.79 41.63 -25.70
CA ILE C 51 24.24 43.01 -25.67
C ILE C 51 25.73 43.15 -25.93
N TYR C 52 26.11 44.19 -26.67
CA TYR C 52 27.50 44.50 -26.94
C TYR C 52 28.00 45.60 -26.00
N PRO C 53 28.98 45.27 -25.15
CA PRO C 53 29.55 46.15 -24.13
C PRO C 53 30.01 47.51 -24.68
N GLY C 54 30.70 47.48 -25.82
CA GLY C 54 31.26 48.67 -26.43
C GLY C 54 30.31 49.84 -26.61
N ASP C 55 29.14 49.60 -27.22
CA ASP C 55 28.21 50.69 -27.48
C ASP C 55 26.81 50.42 -26.93
N SER C 56 26.69 49.43 -26.05
CA SER C 56 25.43 49.07 -25.40
C SER C 56 24.30 48.76 -26.40
N ASP C 57 24.68 48.28 -27.58
CA ASP C 57 23.74 47.82 -28.58
C ASP C 57 23.07 46.57 -28.01
N THR C 58 21.74 46.57 -27.96
CA THR C 58 21.03 45.50 -27.29
C THR C 58 19.93 44.90 -28.16
N ARG C 59 19.90 43.57 -28.23
CA ARG C 59 18.84 42.85 -28.93
C ARG C 59 18.13 41.88 -27.97
N TYR C 60 16.81 41.78 -28.07
CA TYR C 60 16.04 40.89 -27.20
C TYR C 60 15.31 39.79 -27.99
N SER C 61 15.11 38.65 -27.36
CA SER C 61 14.26 37.62 -27.92
C SER C 61 12.83 38.12 -27.87
N PRO C 62 12.02 37.78 -28.88
CA PRO C 62 10.61 38.19 -28.89
C PRO C 62 9.87 37.73 -27.64
N SER C 63 10.23 36.56 -27.13
CA SER C 63 9.57 35.96 -25.97
C SER C 63 9.96 36.64 -24.68
N PHE C 64 10.82 37.65 -24.77
CA PHE C 64 11.31 38.37 -23.61
C PHE C 64 11.37 39.86 -23.88
N GLN C 65 10.92 40.25 -25.06
CA GLN C 65 10.96 41.63 -25.51
C GLN C 65 10.29 42.61 -24.54
N GLY C 66 11.07 43.56 -24.03
CA GLY C 66 10.53 44.61 -23.17
C GLY C 66 10.25 44.20 -21.75
N GLN C 67 10.05 42.90 -21.53
CA GLN C 67 9.81 42.38 -20.18
C GLN C 67 10.97 42.70 -19.24
N VAL C 68 12.19 42.48 -19.74
CA VAL C 68 13.40 42.67 -18.94
C VAL C 68 14.29 43.75 -19.55
N THR C 69 15.32 44.18 -18.81
CA THR C 69 16.26 45.18 -19.30
C THR C 69 17.70 44.70 -19.17
N ILE C 70 18.41 44.66 -20.30
CA ILE C 70 19.81 44.25 -20.32
C ILE C 70 20.72 45.44 -20.61
N SER C 71 21.68 45.67 -19.72
CA SER C 71 22.64 46.74 -19.89
C SER C 71 24.03 46.30 -19.51
N ALA C 72 25.00 47.20 -19.64
CA ALA C 72 26.37 46.88 -19.33
C ALA C 72 27.16 48.11 -18.93
N ASP C 73 28.23 47.89 -18.18
CA ASP C 73 29.14 48.97 -17.80
C ASP C 73 30.54 48.53 -18.20
N LYS C 74 30.98 48.98 -19.37
CA LYS C 74 32.24 48.54 -19.96
C LYS C 74 33.45 48.86 -19.09
N SER C 75 33.28 49.84 -18.20
CA SER C 75 34.34 50.24 -17.28
C SER C 75 34.70 49.09 -16.35
N ILE C 76 33.68 48.48 -15.75
CA ILE C 76 33.90 47.39 -14.80
C ILE C 76 33.71 46.00 -15.41
N SER C 77 33.66 45.94 -16.74
CA SER C 77 33.51 44.69 -17.47
C SER C 77 32.31 43.89 -16.96
N THR C 78 31.16 44.55 -16.85
CA THR C 78 30.02 43.95 -16.18
C THR C 78 28.71 44.17 -16.92
N ALA C 79 27.95 43.08 -17.11
CA ALA C 79 26.65 43.12 -17.76
C ALA C 79 25.53 42.85 -16.75
N TYR C 80 24.38 43.49 -16.98
CA TYR C 80 23.28 43.38 -16.04
C TYR C 80 22.02 42.86 -16.69
N LEU C 81 21.23 42.16 -15.91
CA LEU C 81 19.87 41.79 -16.26
C LEU C 81 19.02 42.40 -15.17
N GLN C 82 17.93 43.06 -15.54
CA GLN C 82 17.23 43.92 -14.60
C GLN C 82 15.71 43.90 -14.77
N TRP C 83 15.01 43.52 -13.71
CA TRP C 83 13.55 43.59 -13.68
C TRP C 83 13.12 44.86 -12.97
N SER C 84 11.94 45.35 -13.33
CA SER C 84 11.37 46.50 -12.63
C SER C 84 10.41 46.01 -11.53
N SER C 85 9.42 45.23 -11.92
CA SER C 85 8.46 44.67 -10.98
C SER C 85 8.39 43.14 -11.16
N LEU C 86 9.07 42.42 -10.27
CA LEU C 86 9.19 40.96 -10.35
C LEU C 86 7.86 40.21 -10.30
N LYS C 87 7.90 38.92 -10.58
CA LYS C 87 6.74 38.05 -10.46
C LYS C 87 7.15 36.69 -9.94
N ALA C 88 6.18 35.86 -9.61
CA ALA C 88 6.46 34.50 -9.19
C ALA C 88 7.06 33.74 -10.38
N SER C 89 6.49 33.96 -11.55
CA SER C 89 6.93 33.27 -12.77
C SER C 89 8.27 33.78 -13.28
N ASP C 90 8.94 34.59 -12.47
CA ASP C 90 10.28 35.07 -12.78
C ASP C 90 11.31 34.22 -12.02
N THR C 91 10.80 33.32 -11.17
CA THR C 91 11.66 32.47 -10.36
C THR C 91 12.42 31.50 -11.23
N ALA C 92 13.74 31.67 -11.32
CA ALA C 92 14.55 30.81 -12.18
C ALA C 92 16.04 30.91 -11.90
N MET C 93 16.81 30.11 -12.64
CA MET C 93 18.25 30.23 -12.68
C MET C 93 18.63 31.11 -13.88
N TYR C 94 19.59 32.00 -13.70
CA TYR C 94 19.98 32.89 -14.80
C TYR C 94 21.46 32.81 -15.11
N TYR C 95 21.77 32.36 -16.32
CA TYR C 95 23.16 32.28 -16.79
C TYR C 95 23.45 33.48 -17.68
N CYS C 96 24.71 33.89 -17.71
CA CYS C 96 25.17 34.81 -18.74
C CYS C 96 26.29 34.08 -19.46
N ALA C 97 26.44 34.34 -20.77
CA ALA C 97 27.49 33.70 -21.54
C ALA C 97 28.14 34.63 -22.56
N ARG C 98 29.26 34.17 -23.13
CA ARG C 98 30.02 34.98 -24.08
C ARG C 98 29.83 34.47 -25.50
N LEU C 99 29.48 35.37 -26.41
CA LEU C 99 29.36 35.01 -27.81
C LEU C 99 30.74 34.97 -28.46
N GLY C 100 31.62 34.12 -27.93
CA GLY C 100 32.97 34.02 -28.46
C GLY C 100 33.22 32.78 -29.32
N GLY C 101 32.17 32.06 -29.65
CA GLY C 101 32.29 30.85 -30.44
C GLY C 101 32.39 31.15 -31.93
N ARG C 102 33.40 30.59 -32.58
CA ARG C 102 33.69 30.90 -33.98
C ARG C 102 33.66 29.67 -34.88
N TYR C 103 33.58 29.94 -36.17
CA TYR C 103 33.76 28.93 -37.20
C TYR C 103 35.00 29.32 -37.99
N TYR C 104 35.84 28.35 -38.34
CA TYR C 104 37.13 28.67 -38.94
C TYR C 104 37.07 29.44 -40.25
N TYR C 105 35.97 29.28 -40.98
CA TYR C 105 35.82 29.93 -42.28
C TYR C 105 35.51 31.43 -42.20
N ASP C 106 34.98 31.89 -41.07
CA ASP C 106 34.64 33.30 -40.90
C ASP C 106 35.42 33.91 -39.74
N SER C 107 36.37 34.78 -40.09
CA SER C 107 37.24 35.41 -39.10
C SER C 107 36.62 36.69 -38.54
N SER C 108 35.38 36.97 -38.93
CA SER C 108 34.73 38.19 -38.48
C SER C 108 33.46 37.90 -37.67
N GLY C 109 32.80 36.79 -37.99
CA GLY C 109 31.51 36.47 -37.39
C GLY C 109 31.55 35.68 -36.09
N TYR C 110 30.60 35.96 -35.21
CA TYR C 110 30.47 35.22 -33.96
C TYR C 110 29.06 34.66 -33.84
N TYR C 111 28.97 33.38 -33.50
CA TYR C 111 27.73 32.63 -33.68
C TYR C 111 27.23 31.84 -32.47
N TYR C 112 28.13 31.42 -31.58
CA TYR C 112 27.62 30.66 -30.44
C TYR C 112 28.21 31.07 -29.09
N PHE C 113 27.68 30.49 -28.02
CA PHE C 113 28.13 30.80 -26.66
C PHE C 113 29.11 29.74 -26.16
N ASP C 114 30.33 30.18 -25.80
CA ASP C 114 31.39 29.26 -25.40
C ASP C 114 31.67 29.22 -23.90
N TYR C 115 31.83 30.39 -23.28
CA TYR C 115 32.04 30.49 -21.82
C TYR C 115 30.76 30.93 -21.11
N TRP C 116 30.39 30.21 -20.04
CA TRP C 116 29.18 30.53 -19.30
C TRP C 116 29.48 31.00 -17.88
N GLY C 117 28.60 31.84 -17.34
CA GLY C 117 28.69 32.22 -15.94
C GLY C 117 28.39 31.06 -15.02
N GLN C 118 28.51 31.30 -13.71
CA GLN C 118 28.28 30.24 -12.74
C GLN C 118 26.79 30.04 -12.52
N GLY C 119 26.01 31.08 -12.80
CA GLY C 119 24.57 31.01 -12.64
C GLY C 119 24.09 31.63 -11.35
N THR C 120 23.16 32.58 -11.47
CA THR C 120 22.58 33.24 -10.32
C THR C 120 21.19 32.69 -10.08
N LEU C 121 21.00 32.03 -8.95
CA LEU C 121 19.70 31.47 -8.61
C LEU C 121 18.81 32.58 -8.07
N VAL C 122 17.66 32.77 -8.70
CA VAL C 122 16.75 33.85 -8.30
C VAL C 122 15.45 33.30 -7.75
N THR C 123 15.30 33.35 -6.43
CA THR C 123 14.09 32.85 -5.79
C THR C 123 13.14 33.99 -5.46
N VAL C 124 11.93 33.91 -6.00
CA VAL C 124 10.93 34.97 -5.84
C VAL C 124 9.62 34.41 -5.30
N SER C 125 9.38 34.61 -4.00
CA SER C 125 8.21 34.06 -3.34
C SER C 125 7.45 35.09 -2.49
N SER C 126 6.14 35.20 -2.73
CA SER C 126 5.28 36.04 -1.91
C SER C 126 4.48 35.17 -0.96
N ALA C 127 5.19 34.44 -0.10
CA ALA C 127 4.53 33.50 0.80
C ALA C 127 5.14 33.52 2.19
N SER C 128 4.38 33.99 3.18
CA SER C 128 4.81 33.89 4.56
C SER C 128 4.44 32.50 5.07
N THR C 129 4.78 32.21 6.32
CA THR C 129 4.49 30.89 6.90
C THR C 129 3.00 30.53 6.77
N LYS C 130 2.72 29.27 6.44
CA LYS C 130 1.34 28.82 6.39
C LYS C 130 1.21 27.34 6.73
N GLY C 131 0.31 27.06 7.66
CA GLY C 131 -0.03 25.69 7.98
C GLY C 131 -0.78 25.04 6.83
N PRO C 132 -0.58 23.73 6.68
CA PRO C 132 -1.22 23.00 5.61
C PRO C 132 -2.67 22.62 5.92
N SER C 133 -3.42 22.32 4.87
CA SER C 133 -4.70 21.66 5.01
C SER C 133 -4.48 20.20 4.65
N VAL C 134 -5.16 19.30 5.33
CA VAL C 134 -4.98 17.88 5.12
C VAL C 134 -6.29 17.23 4.78
N PHE C 135 -6.29 16.46 3.69
CA PHE C 135 -7.47 15.74 3.26
C PHE C 135 -7.16 14.26 3.09
N PRO C 136 -8.16 13.40 3.33
CA PRO C 136 -7.90 11.97 3.25
C PRO C 136 -7.98 11.49 1.81
N LEU C 137 -7.10 10.57 1.43
CA LEU C 137 -7.20 9.94 0.12
C LEU C 137 -7.79 8.57 0.33
N ALA C 138 -9.09 8.45 0.09
CA ALA C 138 -9.80 7.23 0.42
C ALA C 138 -9.51 6.14 -0.60
N PRO C 139 -9.47 4.88 -0.14
CA PRO C 139 -9.32 3.73 -1.02
C PRO C 139 -10.70 3.21 -1.46
N GLY C 147 -5.96 -8.02 -4.56
CA GLY C 147 -4.66 -8.33 -4.01
C GLY C 147 -4.25 -7.37 -2.91
N THR C 148 -4.27 -6.08 -3.23
CA THR C 148 -3.87 -5.04 -2.29
C THR C 148 -4.54 -3.71 -2.65
N ALA C 149 -4.52 -2.75 -1.73
CA ALA C 149 -5.15 -1.46 -1.99
C ALA C 149 -4.30 -0.27 -1.56
N ALA C 150 -4.62 0.90 -2.08
CA ALA C 150 -3.83 2.10 -1.84
C ALA C 150 -4.63 3.21 -1.17
N LEU C 151 -4.08 3.77 -0.09
CA LEU C 151 -4.71 4.92 0.57
C LEU C 151 -3.68 5.92 1.07
N GLY C 152 -4.11 7.17 1.24
CA GLY C 152 -3.18 8.18 1.69
C GLY C 152 -3.77 9.46 2.25
N CYS C 153 -2.88 10.43 2.50
CA CYS C 153 -3.25 11.75 2.96
C CYS C 153 -2.67 12.78 2.02
N LEU C 154 -3.47 13.78 1.67
CA LEU C 154 -3.00 14.92 0.89
C LEU C 154 -2.76 16.13 1.81
N VAL C 155 -1.59 16.71 1.70
CA VAL C 155 -1.18 17.85 2.51
C VAL C 155 -0.97 19.10 1.63
N LYS C 156 -2.02 19.92 1.48
CA LYS C 156 -2.02 21.03 0.54
C LYS C 156 -1.49 22.33 1.11
N ASP C 157 -0.96 23.15 0.22
CA ASP C 157 -0.78 24.59 0.45
C ASP C 157 -0.07 24.98 1.74
N TYR C 158 1.18 24.55 1.90
CA TYR C 158 1.93 24.94 3.08
C TYR C 158 3.24 25.62 2.74
N PHE C 159 3.88 26.20 3.77
CA PHE C 159 5.14 26.89 3.63
C PHE C 159 5.71 27.18 5.02
N PRO C 160 7.02 26.91 5.23
CA PRO C 160 7.93 26.33 4.24
C PRO C 160 8.16 24.86 4.51
N GLU C 161 9.06 24.24 3.75
CA GLU C 161 9.53 22.90 4.09
C GLU C 161 10.22 23.00 5.43
N PRO C 162 10.20 21.91 6.21
CA PRO C 162 9.58 20.64 5.86
C PRO C 162 8.25 20.42 6.56
N VAL C 163 7.76 19.20 6.41
CA VAL C 163 6.52 18.75 7.01
C VAL C 163 6.75 17.28 7.35
N THR C 164 6.10 16.77 8.39
CA THR C 164 6.29 15.36 8.75
C THR C 164 5.00 14.57 8.68
N VAL C 165 5.10 13.32 8.24
CA VAL C 165 3.93 12.45 8.16
C VAL C 165 4.28 11.08 8.72
N SER C 166 3.45 10.60 9.66
CA SER C 166 3.56 9.24 10.17
C SER C 166 2.18 8.61 10.10
N TRP C 167 2.10 7.30 10.24
CA TRP C 167 0.81 6.63 10.16
C TRP C 167 0.52 5.85 11.43
N ASN C 168 -0.63 6.13 12.03
CA ASN C 168 -1.01 5.52 13.31
C ASN C 168 0.06 5.79 14.36
N SER C 169 0.45 7.05 14.48
CA SER C 169 1.46 7.48 15.44
C SER C 169 2.77 6.71 15.37
N GLY C 170 3.05 6.12 14.20
CA GLY C 170 4.30 5.45 13.94
C GLY C 170 4.23 3.96 14.11
N ALA C 171 3.05 3.45 14.41
CA ALA C 171 2.85 2.02 14.58
C ALA C 171 2.80 1.32 13.23
N LEU C 172 2.57 2.10 12.18
CA LEU C 172 2.46 1.58 10.82
C LEU C 172 3.55 2.20 9.93
N THR C 173 4.47 1.38 9.47
CA THR C 173 5.61 1.89 8.70
C THR C 173 5.78 1.19 7.35
N SER C 174 5.36 -0.07 7.28
CA SER C 174 5.50 -0.83 6.05
C SER C 174 4.52 -0.40 4.97
N GLY C 175 5.02 -0.22 3.76
CA GLY C 175 4.19 0.19 2.65
C GLY C 175 3.96 1.70 2.62
N VAL C 176 4.68 2.43 3.46
CA VAL C 176 4.52 3.87 3.51
C VAL C 176 5.47 4.56 2.56
N HIS C 177 4.91 5.35 1.65
CA HIS C 177 5.70 6.13 0.72
C HIS C 177 5.23 7.56 0.81
N THR C 178 6.05 8.42 1.41
CA THR C 178 5.74 9.83 1.43
C THR C 178 6.49 10.57 0.33
N PHE C 179 5.74 11.01 -0.67
CA PHE C 179 6.31 11.62 -1.86
C PHE C 179 6.91 12.99 -1.58
N PRO C 180 8.02 13.32 -2.27
CA PRO C 180 8.56 14.68 -2.22
C PRO C 180 7.50 15.67 -2.67
N ALA C 181 7.55 16.87 -2.13
CA ALA C 181 6.50 17.86 -2.37
C ALA C 181 6.64 18.60 -3.70
N VAL C 182 5.50 18.96 -4.25
CA VAL C 182 5.45 19.83 -5.42
C VAL C 182 5.59 21.26 -4.96
N LEU C 183 6.22 22.09 -5.78
CA LEU C 183 6.35 23.50 -5.48
C LEU C 183 5.48 24.28 -6.44
N GLN C 184 4.27 24.61 -5.99
CA GLN C 184 3.26 25.26 -6.83
C GLN C 184 3.66 26.68 -7.25
N SER C 185 3.01 27.18 -8.30
CA SER C 185 3.30 28.52 -8.82
C SER C 185 2.92 29.61 -7.83
N SER C 186 1.89 29.36 -7.03
CA SER C 186 1.49 30.30 -5.98
C SER C 186 2.54 30.43 -4.88
N GLY C 187 3.53 29.54 -4.88
CA GLY C 187 4.63 29.61 -3.93
C GLY C 187 4.52 28.59 -2.82
N LEU C 188 3.38 27.91 -2.76
CA LEU C 188 3.12 26.96 -1.69
C LEU C 188 3.50 25.54 -2.09
N TYR C 189 3.86 24.72 -1.11
CA TYR C 189 4.16 23.32 -1.34
C TYR C 189 2.92 22.47 -1.11
N SER C 190 2.86 21.32 -1.77
CA SER C 190 1.87 20.30 -1.43
C SER C 190 2.57 18.95 -1.56
N LEU C 191 2.18 17.98 -0.74
CA LEU C 191 2.65 16.61 -0.91
C LEU C 191 1.58 15.61 -0.51
N SER C 192 1.83 14.34 -0.84
CA SER C 192 0.94 13.26 -0.46
C SER C 192 1.76 12.15 0.21
N SER C 193 1.15 11.46 1.16
CA SER C 193 1.76 10.26 1.71
C SER C 193 0.82 9.13 1.40
N VAL C 194 1.34 8.00 0.96
CA VAL C 194 0.48 6.87 0.59
C VAL C 194 0.96 5.58 1.22
N VAL C 195 0.04 4.80 1.76
CA VAL C 195 0.38 3.50 2.31
C VAL C 195 -0.41 2.41 1.59
N THR C 196 0.29 1.32 1.26
CA THR C 196 -0.31 0.21 0.56
C THR C 196 -0.67 -0.91 1.53
N VAL C 197 -1.95 -1.22 1.59
CA VAL C 197 -2.46 -2.17 2.56
C VAL C 197 -3.22 -3.33 1.91
N PRO C 198 -3.38 -4.45 2.63
CA PRO C 198 -4.19 -5.57 2.15
C PRO C 198 -5.66 -5.21 2.09
N SER C 199 -6.32 -5.57 0.99
CA SER C 199 -7.73 -5.24 0.78
C SER C 199 -8.59 -5.75 1.93
N SER C 200 -8.27 -6.95 2.41
CA SER C 200 -9.03 -7.62 3.45
C SER C 200 -9.20 -6.79 4.72
N SER C 201 -8.23 -5.93 5.00
CA SER C 201 -8.24 -5.14 6.23
C SER C 201 -8.97 -3.81 6.10
N LEU C 202 -9.45 -3.52 4.90
CA LEU C 202 -9.87 -2.16 4.54
C LEU C 202 -10.97 -1.54 5.42
N GLY C 203 -11.86 -2.38 5.95
CA GLY C 203 -12.98 -1.87 6.72
C GLY C 203 -12.88 -2.08 8.23
N THR C 204 -11.91 -2.86 8.67
CA THR C 204 -11.77 -3.13 10.09
C THR C 204 -10.56 -2.41 10.69
N GLN C 205 -9.41 -2.53 10.04
CA GLN C 205 -8.24 -1.79 10.46
C GLN C 205 -8.42 -0.28 10.29
N THR C 206 -8.01 0.48 11.30
CA THR C 206 -8.12 1.93 11.27
C THR C 206 -6.81 2.55 10.77
N TYR C 207 -6.93 3.57 9.93
CA TYR C 207 -5.76 4.23 9.38
C TYR C 207 -5.82 5.74 9.60
N ILE C 208 -4.77 6.26 10.23
CA ILE C 208 -4.70 7.66 10.62
C ILE C 208 -3.36 8.25 10.22
N CYS C 209 -3.38 9.35 9.49
CA CYS C 209 -2.13 10.01 9.16
C CYS C 209 -1.89 11.17 10.15
N ASN C 210 -0.66 11.28 10.60
CA ASN C 210 -0.27 12.31 11.54
C ASN C 210 0.64 13.31 10.82
N VAL C 211 0.18 14.55 10.74
CA VAL C 211 0.89 15.58 9.99
C VAL C 211 1.36 16.70 10.92
N ASN C 212 2.64 17.05 10.84
CA ASN C 212 3.21 18.15 11.62
C ASN C 212 4.01 19.15 10.80
N HIS C 213 3.67 20.42 10.95
CA HIS C 213 4.38 21.48 10.27
C HIS C 213 4.86 22.51 11.29
N LYS C 214 6.04 22.27 11.85
CA LYS C 214 6.56 23.06 12.99
C LYS C 214 6.56 24.60 12.83
N PRO C 215 6.96 25.12 11.66
CA PRO C 215 6.93 26.58 11.52
C PRO C 215 5.57 27.23 11.79
N SER C 216 4.49 26.54 11.48
CA SER C 216 3.16 27.12 11.67
C SER C 216 2.45 26.48 12.85
N ASN C 217 3.17 25.62 13.57
CA ASN C 217 2.63 24.94 14.74
C ASN C 217 1.38 24.11 14.43
N THR C 218 1.25 23.70 13.18
CA THR C 218 0.07 22.97 12.76
C THR C 218 0.21 21.48 13.03
N LYS C 219 -0.83 20.90 13.60
CA LYS C 219 -0.86 19.48 13.91
C LYS C 219 -2.20 18.86 13.52
N VAL C 220 -2.20 18.02 12.51
CA VAL C 220 -3.44 17.38 12.06
C VAL C 220 -3.35 15.86 12.07
N ASP C 221 -4.35 15.21 12.67
CA ASP C 221 -4.52 13.77 12.53
C ASP C 221 -5.73 13.49 11.66
N LYS C 222 -5.51 12.86 10.51
CA LYS C 222 -6.61 12.53 9.60
C LYS C 222 -6.90 11.06 9.54
N ARG C 223 -8.13 10.67 9.85
CA ARG C 223 -8.56 9.30 9.65
C ARG C 223 -8.95 9.10 8.19
N VAL C 224 -8.55 7.96 7.63
CA VAL C 224 -8.83 7.65 6.23
C VAL C 224 -9.70 6.40 6.08
N GLU C 225 -10.97 6.60 5.76
CA GLU C 225 -11.90 5.48 5.63
C GLU C 225 -12.37 5.32 4.18
N PRO C 226 -12.91 4.14 3.85
CA PRO C 226 -13.53 3.89 2.54
C PRO C 226 -14.75 4.77 2.27
N ASN D 1 11.63 33.01 -36.85
CA ASN D 1 11.59 32.24 -35.61
C ASN D 1 11.19 30.79 -35.85
N PHE D 2 11.76 29.89 -35.07
CA PHE D 2 11.37 28.48 -35.12
C PHE D 2 11.56 27.76 -33.79
N MET D 3 11.51 26.44 -33.85
CA MET D 3 11.64 25.61 -32.66
C MET D 3 12.59 24.48 -32.94
N LEU D 4 13.26 24.02 -31.89
CA LEU D 4 14.05 22.82 -32.00
C LEU D 4 13.54 21.80 -31.00
N THR D 5 13.08 20.67 -31.50
CA THR D 5 12.48 19.67 -30.64
C THR D 5 13.36 18.44 -30.51
N GLN D 6 13.69 18.10 -29.28
CA GLN D 6 14.46 16.90 -28.96
C GLN D 6 13.56 15.89 -28.27
N PRO D 7 13.98 14.62 -28.21
CA PRO D 7 13.27 13.65 -27.37
C PRO D 7 13.43 14.00 -25.90
N HIS D 8 12.44 13.68 -25.09
CA HIS D 8 12.53 14.01 -23.67
C HIS D 8 13.67 13.25 -22.99
N SER D 9 13.81 11.97 -23.32
CA SER D 9 14.81 11.11 -22.69
C SER D 9 15.34 10.03 -23.60
N VAL D 10 16.62 9.69 -23.44
CA VAL D 10 17.22 8.53 -24.10
C VAL D 10 18.07 7.77 -23.09
N SER D 11 18.36 6.51 -23.40
CA SER D 11 19.18 5.69 -22.50
C SER D 11 19.81 4.54 -23.25
N GLU D 12 20.88 3.99 -22.68
CA GLU D 12 21.55 2.81 -23.22
C GLU D 12 22.59 2.26 -22.24
N SER D 13 22.85 0.96 -22.32
CA SER D 13 23.79 0.31 -21.42
C SER D 13 25.17 0.90 -21.62
N PRO D 14 26.02 0.88 -20.57
CA PRO D 14 27.38 1.43 -20.71
C PRO D 14 28.12 0.72 -21.83
N GLY D 15 28.97 1.45 -22.56
CA GLY D 15 29.73 0.85 -23.64
C GLY D 15 29.02 0.81 -24.98
N LYS D 16 27.70 0.87 -24.96
CA LYS D 16 26.94 0.88 -26.20
C LYS D 16 26.77 2.31 -26.73
N THR D 17 25.90 2.48 -27.72
CA THR D 17 25.80 3.73 -28.45
C THR D 17 24.38 4.34 -28.38
N VAL D 18 24.31 5.66 -28.26
CA VAL D 18 22.99 6.32 -28.26
C VAL D 18 22.98 7.54 -29.18
N THR D 19 21.79 7.96 -29.60
CA THR D 19 21.63 9.11 -30.48
C THR D 19 20.46 10.02 -30.09
N ILE D 20 20.75 11.31 -30.01
CA ILE D 20 19.75 12.31 -29.69
C ILE D 20 19.45 13.19 -30.91
N SER D 21 18.17 13.33 -31.24
CA SER D 21 17.75 14.04 -32.44
C SER D 21 17.35 15.47 -32.12
N CYS D 22 17.48 16.35 -33.11
CA CYS D 22 17.10 17.76 -32.98
C CYS D 22 16.38 18.21 -34.25
N THR D 23 15.07 18.37 -34.18
CA THR D 23 14.30 18.69 -35.38
C THR D 23 13.92 20.16 -35.49
N ARG D 24 14.18 20.74 -36.64
CA ARG D 24 13.84 22.12 -36.90
C ARG D 24 12.41 22.27 -37.41
N SER D 25 11.64 23.11 -36.75
CA SER D 25 10.20 23.23 -37.04
C SER D 25 9.91 24.00 -38.32
N SER D 26 10.75 24.98 -38.63
CA SER D 26 10.55 25.81 -39.82
C SER D 26 11.89 26.27 -40.41
N GLY D 27 12.03 26.14 -41.72
CA GLY D 27 13.27 26.46 -42.38
C GLY D 27 14.18 25.24 -42.46
N SER D 28 15.20 25.31 -43.30
CA SER D 28 16.15 24.20 -43.43
C SER D 28 17.09 24.10 -42.23
N ILE D 29 17.45 22.87 -41.88
CA ILE D 29 18.32 22.62 -40.75
C ILE D 29 19.75 23.00 -41.12
N ALA D 30 20.02 23.03 -42.44
CA ALA D 30 21.34 23.40 -42.95
C ALA D 30 21.47 24.89 -43.23
N SER D 31 20.43 25.64 -42.91
CA SER D 31 20.46 27.10 -43.07
C SER D 31 21.38 27.70 -42.04
N ASN D 32 21.44 27.09 -40.87
CA ASN D 32 22.33 27.54 -39.82
C ASN D 32 22.95 26.36 -39.08
N TYR D 33 24.17 26.54 -38.59
CA TYR D 33 24.89 25.45 -37.92
C TYR D 33 24.30 25.11 -36.57
N VAL D 34 24.70 23.97 -36.04
CA VAL D 34 24.12 23.47 -34.80
C VAL D 34 25.22 23.21 -33.77
N GLN D 35 25.05 23.80 -32.60
CA GLN D 35 25.89 23.45 -31.46
C GLN D 35 25.15 22.45 -30.60
N TRP D 36 25.91 21.65 -29.85
CA TRP D 36 25.34 20.76 -28.84
C TRP D 36 25.99 21.05 -27.49
N TYR D 37 25.17 21.16 -26.45
CA TYR D 37 25.66 21.50 -25.12
C TYR D 37 25.32 20.44 -24.10
N GLN D 38 26.31 20.03 -23.32
CA GLN D 38 26.06 19.14 -22.20
C GLN D 38 25.84 19.99 -20.95
N GLN D 39 24.96 19.53 -20.08
CA GLN D 39 24.74 20.17 -18.79
C GLN D 39 24.54 19.15 -17.67
N ARG D 40 25.27 19.31 -16.59
CA ARG D 40 25.15 18.43 -15.44
C ARG D 40 24.36 19.11 -14.33
N PRO D 41 23.85 18.33 -13.36
CA PRO D 41 23.08 18.90 -12.25
C PRO D 41 23.85 20.02 -11.56
N GLY D 42 23.20 21.17 -11.38
CA GLY D 42 23.82 22.32 -10.75
C GLY D 42 24.72 23.13 -11.66
N SER D 43 25.58 22.45 -12.40
CA SER D 43 26.60 23.08 -13.23
C SER D 43 26.03 23.87 -14.41
N SER D 44 26.91 24.61 -15.06
CA SER D 44 26.56 25.42 -16.22
C SER D 44 26.93 24.66 -17.50
N PRO D 45 26.18 24.88 -18.58
CA PRO D 45 26.38 24.15 -19.84
C PRO D 45 27.80 24.21 -20.39
N THR D 46 28.15 23.16 -21.12
CA THR D 46 29.48 23.00 -21.68
C THR D 46 29.32 22.64 -23.15
N THR D 47 30.10 23.29 -24.01
CA THR D 47 30.05 22.95 -25.43
C THR D 47 30.68 21.58 -25.70
N VAL D 48 29.94 20.72 -26.38
CA VAL D 48 30.48 19.41 -26.78
C VAL D 48 30.59 19.26 -28.31
N ILE D 49 29.77 20.00 -29.05
CA ILE D 49 29.86 20.00 -30.52
C ILE D 49 29.49 21.38 -31.06
N TYR D 50 30.33 21.94 -31.91
CA TYR D 50 29.99 23.18 -32.59
C TYR D 50 30.04 22.97 -34.09
N GLU D 51 29.33 23.83 -34.82
CA GLU D 51 29.34 23.81 -36.29
C GLU D 51 28.99 22.42 -36.81
N ASP D 52 27.76 21.98 -36.53
CA ASP D 52 27.25 20.68 -36.94
C ASP D 52 27.98 19.49 -36.33
N ASN D 53 29.30 19.46 -36.45
CA ASN D 53 30.03 18.23 -36.19
C ASN D 53 31.46 18.38 -35.67
N GLN D 54 31.85 19.56 -35.24
CA GLN D 54 33.21 19.78 -34.73
C GLN D 54 33.29 19.63 -33.21
N ARG D 55 34.39 19.07 -32.73
CA ARG D 55 34.64 18.97 -31.30
C ARG D 55 35.64 20.03 -30.83
N PRO D 56 35.33 20.73 -29.73
CA PRO D 56 36.35 21.53 -29.07
C PRO D 56 37.46 20.62 -28.51
N SER D 57 38.56 21.20 -28.06
CA SER D 57 39.64 20.42 -27.48
C SER D 57 39.20 19.84 -26.14
N GLY D 58 39.68 18.66 -25.81
CA GLY D 58 39.34 18.04 -24.55
C GLY D 58 37.93 17.47 -24.53
N VAL D 59 37.37 17.28 -25.72
CA VAL D 59 36.10 16.59 -25.87
C VAL D 59 36.31 15.32 -26.66
N PRO D 60 36.16 14.16 -26.00
CA PRO D 60 36.39 12.82 -26.57
C PRO D 60 35.75 12.62 -27.94
N ASP D 61 36.42 11.86 -28.79
CA ASP D 61 35.91 11.56 -30.13
C ASP D 61 34.74 10.59 -30.10
N ARG D 62 34.27 10.27 -28.89
CA ARG D 62 33.05 9.49 -28.70
C ARG D 62 31.83 10.32 -29.07
N PHE D 63 31.96 11.63 -28.93
CA PHE D 63 30.89 12.56 -29.26
C PHE D 63 30.99 13.01 -30.71
N SER D 64 30.06 12.58 -31.56
CA SER D 64 30.01 13.06 -32.93
C SER D 64 28.67 13.72 -33.26
N GLY D 65 28.68 14.58 -34.27
CA GLY D 65 27.46 15.22 -34.73
C GLY D 65 27.26 15.01 -36.22
N SER D 66 26.00 15.09 -36.66
CA SER D 66 25.68 14.95 -38.06
C SER D 66 24.40 15.70 -38.42
N ILE D 67 24.08 15.75 -39.71
CA ILE D 67 22.85 16.38 -40.16
C ILE D 67 22.10 15.39 -41.03
N ASP D 68 20.80 15.28 -40.82
CA ASP D 68 19.95 14.52 -41.72
C ASP D 68 18.95 15.44 -42.40
N SER D 69 19.22 15.75 -43.66
CA SER D 69 18.45 16.72 -44.43
C SER D 69 16.99 16.29 -44.67
N SER D 70 16.79 15.01 -44.93
CA SER D 70 15.46 14.48 -45.23
C SER D 70 14.50 14.72 -44.07
N SER D 71 15.02 14.59 -42.86
CA SER D 71 14.20 14.72 -41.65
C SER D 71 14.33 16.11 -41.03
N ASN D 72 15.09 16.98 -41.70
CA ASN D 72 15.33 18.34 -41.23
C ASN D 72 15.86 18.33 -39.81
N SER D 73 16.78 17.42 -39.54
CA SER D 73 17.22 17.18 -38.17
C SER D 73 18.74 17.11 -38.01
N ALA D 74 19.19 17.41 -36.79
CA ALA D 74 20.56 17.21 -36.39
C ALA D 74 20.56 16.11 -35.32
N SER D 75 21.64 15.33 -35.26
CA SER D 75 21.74 14.30 -34.24
C SER D 75 23.08 14.26 -33.52
N LEU D 76 23.03 14.16 -32.19
CA LEU D 76 24.24 13.98 -31.38
C LEU D 76 24.41 12.51 -31.08
N THR D 77 25.57 11.96 -31.39
CA THR D 77 25.79 10.54 -31.17
C THR D 77 26.90 10.31 -30.15
N ILE D 78 26.68 9.40 -29.22
CA ILE D 78 27.66 9.07 -28.21
C ILE D 78 27.95 7.57 -28.23
N SER D 79 29.19 7.21 -28.54
CA SER D 79 29.59 5.81 -28.61
C SER D 79 30.40 5.45 -27.39
N GLY D 80 30.50 4.15 -27.11
CA GLY D 80 31.25 3.67 -25.97
C GLY D 80 30.78 4.35 -24.70
N LEU D 81 29.48 4.29 -24.45
CA LEU D 81 28.85 4.98 -23.33
C LEU D 81 29.51 4.67 -21.99
N LYS D 82 29.75 5.71 -21.22
CA LYS D 82 30.29 5.57 -19.88
C LYS D 82 29.41 6.39 -18.94
N THR D 83 29.40 6.00 -17.67
CA THR D 83 28.46 6.57 -16.70
C THR D 83 28.47 8.11 -16.61
N GLU D 84 29.63 8.72 -16.82
CA GLU D 84 29.71 10.18 -16.68
C GLU D 84 29.11 10.94 -17.85
N ASP D 85 28.64 10.22 -18.87
CA ASP D 85 27.97 10.87 -20.00
C ASP D 85 26.55 11.26 -19.61
N GLU D 86 26.04 10.59 -18.58
CA GLU D 86 24.73 10.87 -18.02
C GLU D 86 24.60 12.35 -17.66
N ALA D 87 23.72 13.04 -18.38
CA ALA D 87 23.53 14.48 -18.24
C ALA D 87 22.38 14.92 -19.13
N ASP D 88 22.10 16.21 -19.12
CA ASP D 88 21.14 16.77 -20.07
C ASP D 88 21.89 17.21 -21.32
N TYR D 89 21.19 17.24 -22.46
CA TYR D 89 21.81 17.71 -23.70
C TYR D 89 20.84 18.63 -24.47
N TYR D 90 21.36 19.77 -24.92
CA TYR D 90 20.55 20.74 -25.63
C TYR D 90 21.19 21.09 -26.95
N CYS D 91 20.48 20.88 -28.06
CA CYS D 91 20.97 21.36 -29.34
C CYS D 91 20.63 22.84 -29.41
N GLN D 92 21.33 23.55 -30.28
CA GLN D 92 21.20 25.01 -30.35
C GLN D 92 21.47 25.48 -31.75
N SER D 93 20.69 26.45 -32.22
CA SER D 93 20.90 27.03 -33.53
C SER D 93 20.44 28.49 -33.62
N TYR D 94 20.40 29.03 -34.83
CA TYR D 94 20.31 30.48 -35.04
C TYR D 94 19.27 30.87 -36.11
N ASP D 95 18.74 32.08 -35.98
CA ASP D 95 17.68 32.61 -36.84
C ASP D 95 18.28 33.47 -37.94
N SER D 96 19.56 33.84 -37.72
CA SER D 96 20.24 34.99 -38.32
C SER D 96 19.97 36.25 -37.48
N SER D 97 19.35 36.05 -36.31
CA SER D 97 19.02 37.14 -35.40
C SER D 97 18.76 36.66 -33.97
N SER D 98 18.03 35.55 -33.85
CA SER D 98 17.68 35.02 -32.54
C SER D 98 18.23 33.63 -32.31
N TRP D 99 18.79 33.43 -31.13
CA TRP D 99 19.30 32.12 -30.73
C TRP D 99 18.18 31.20 -30.23
N VAL D 100 18.25 29.93 -30.62
CA VAL D 100 17.23 28.94 -30.24
C VAL D 100 17.84 27.67 -29.65
N PHE D 101 17.40 27.33 -28.44
CA PHE D 101 17.82 26.10 -27.77
C PHE D 101 16.73 25.02 -27.86
N GLY D 102 17.15 23.77 -27.95
CA GLY D 102 16.21 22.67 -27.95
C GLY D 102 15.63 22.49 -26.56
N GLY D 103 14.58 21.68 -26.46
CA GLY D 103 13.92 21.45 -25.19
C GLY D 103 14.77 20.71 -24.17
N GLY D 104 15.74 19.95 -24.66
CA GLY D 104 16.63 19.18 -23.79
C GLY D 104 16.30 17.71 -23.74
N THR D 105 17.33 16.89 -23.72
CA THR D 105 17.15 15.43 -23.67
C THR D 105 17.92 14.88 -22.49
N LYS D 106 17.23 14.22 -21.57
CA LYS D 106 17.91 13.59 -20.45
C LYS D 106 18.52 12.28 -20.88
N LEU D 107 19.84 12.16 -20.72
CA LEU D 107 20.53 10.91 -21.01
C LEU D 107 20.75 10.13 -19.72
N THR D 108 20.47 8.83 -19.77
CA THR D 108 20.68 7.96 -18.63
C THR D 108 21.59 6.81 -19.05
N VAL D 109 22.52 6.43 -18.20
CA VAL D 109 23.29 5.22 -18.44
C VAL D 109 22.72 4.09 -17.58
N LEU D 110 22.17 3.07 -18.24
CA LEU D 110 21.43 2.00 -17.56
C LEU D 110 22.30 1.18 -16.63
N GLY D 111 22.16 1.44 -15.33
CA GLY D 111 22.89 0.70 -14.31
C GLY D 111 22.05 -0.38 -13.65
N GLN D 112 20.87 -0.62 -14.23
CA GLN D 112 19.92 -1.59 -13.69
C GLN D 112 18.85 -1.79 -14.76
N PRO D 113 18.01 -2.82 -14.61
CA PRO D 113 16.96 -3.05 -15.61
C PRO D 113 15.99 -1.89 -15.71
N LYS D 114 15.40 -1.69 -16.89
CA LYS D 114 14.34 -0.72 -17.05
C LYS D 114 13.14 -1.08 -16.18
N ALA D 115 12.34 -0.08 -15.82
CA ALA D 115 11.18 -0.29 -14.96
C ALA D 115 10.03 0.66 -15.29
N ALA D 116 8.87 0.09 -15.52
CA ALA D 116 7.69 0.88 -15.84
C ALA D 116 7.11 1.49 -14.57
N PRO D 117 6.55 2.70 -14.68
CA PRO D 117 6.01 3.38 -13.50
C PRO D 117 4.73 2.69 -13.01
N SER D 118 4.51 2.74 -11.70
CA SER D 118 3.18 2.44 -11.17
C SER D 118 2.44 3.76 -10.98
N VAL D 119 1.15 3.76 -11.31
CA VAL D 119 0.39 4.99 -11.29
C VAL D 119 -0.88 4.83 -10.49
N THR D 120 -1.09 5.74 -9.54
CA THR D 120 -2.26 5.75 -8.70
C THR D 120 -2.93 7.14 -8.78
N LEU D 121 -4.24 7.15 -9.04
CA LEU D 121 -4.95 8.41 -9.21
C LEU D 121 -6.13 8.56 -8.24
N PHE D 122 -6.04 9.51 -7.32
CA PHE D 122 -7.14 9.81 -6.39
C PHE D 122 -7.98 10.99 -6.85
N PRO D 123 -9.33 10.84 -6.82
CA PRO D 123 -10.30 11.91 -7.05
C PRO D 123 -10.34 12.85 -5.86
N PRO D 124 -11.00 14.02 -6.01
CA PRO D 124 -11.16 14.94 -4.87
C PRO D 124 -11.91 14.28 -3.72
N SER D 125 -11.42 14.47 -2.50
CA SER D 125 -12.11 13.94 -1.33
C SER D 125 -13.41 14.69 -1.14
N SER D 126 -14.36 14.06 -0.45
CA SER D 126 -15.62 14.71 -0.15
C SER D 126 -15.35 15.89 0.77
N GLU D 127 -14.38 15.72 1.65
CA GLU D 127 -14.04 16.75 2.60
C GLU D 127 -13.55 18.04 1.92
N GLU D 128 -12.76 17.88 0.86
CA GLU D 128 -12.21 19.02 0.13
C GLU D 128 -13.28 19.68 -0.74
N LEU D 129 -14.11 18.87 -1.36
CA LEU D 129 -15.22 19.37 -2.15
C LEU D 129 -16.17 20.19 -1.29
N GLN D 130 -16.29 19.82 -0.02
CA GLN D 130 -17.14 20.54 0.91
C GLN D 130 -16.56 21.91 1.21
N ALA D 131 -15.27 22.07 0.95
CA ALA D 131 -14.58 23.35 1.15
C ALA D 131 -14.48 24.19 -0.12
N ASN D 132 -15.22 23.81 -1.16
CA ASN D 132 -15.25 24.52 -2.45
C ASN D 132 -13.92 24.49 -3.21
N LYS D 133 -13.17 23.41 -3.04
CA LYS D 133 -11.95 23.22 -3.81
C LYS D 133 -11.88 21.77 -4.29
N ALA D 134 -10.93 21.47 -5.18
CA ALA D 134 -10.87 20.14 -5.79
C ALA D 134 -9.49 19.83 -6.37
N THR D 135 -8.85 18.79 -5.84
CA THR D 135 -7.54 18.37 -6.31
C THR D 135 -7.55 16.92 -6.80
N LEU D 136 -6.89 16.68 -7.92
CA LEU D 136 -6.69 15.33 -8.41
C LEU D 136 -5.23 14.96 -8.23
N VAL D 137 -4.97 13.80 -7.67
CA VAL D 137 -3.61 13.44 -7.29
C VAL D 137 -3.11 12.22 -8.03
N CYS D 138 -2.10 12.41 -8.86
CA CYS D 138 -1.50 11.31 -9.60
C CYS D 138 -0.11 10.99 -9.04
N LEU D 139 0.02 9.80 -8.46
CA LEU D 139 1.24 9.40 -7.80
C LEU D 139 2.02 8.33 -8.56
N ILE D 140 3.23 8.67 -8.98
CA ILE D 140 4.06 7.82 -9.82
C ILE D 140 5.26 7.27 -9.05
N SER D 141 5.51 5.97 -9.20
CA SER D 141 6.55 5.33 -8.41
C SER D 141 7.21 4.15 -9.11
N ASP D 142 8.42 3.81 -8.67
CA ASP D 142 9.14 2.64 -9.16
C ASP D 142 9.42 2.66 -10.67
N PHE D 143 9.84 3.79 -11.20
CA PHE D 143 10.23 3.82 -12.60
C PHE D 143 11.73 4.02 -12.78
N TYR D 144 12.28 3.35 -13.79
CA TYR D 144 13.65 3.56 -14.22
C TYR D 144 13.77 3.41 -15.74
N PRO D 145 14.48 4.34 -16.41
CA PRO D 145 15.15 5.52 -15.83
C PRO D 145 14.19 6.57 -15.30
N GLY D 146 14.71 7.56 -14.57
CA GLY D 146 13.90 8.58 -13.94
C GLY D 146 13.55 9.73 -14.87
N ALA D 147 12.70 9.46 -15.85
CA ALA D 147 12.21 10.48 -16.77
C ALA D 147 10.82 10.09 -17.24
N VAL D 148 9.84 10.95 -16.98
CA VAL D 148 8.47 10.69 -17.37
C VAL D 148 7.80 11.94 -17.93
N THR D 149 6.70 11.72 -18.65
CA THR D 149 5.89 12.79 -19.19
C THR D 149 4.47 12.62 -18.66
N VAL D 150 3.91 13.68 -18.11
CA VAL D 150 2.56 13.61 -17.56
C VAL D 150 1.58 14.48 -18.35
N ALA D 151 0.57 13.84 -18.92
CA ALA D 151 -0.51 14.57 -19.58
C ALA D 151 -1.86 14.36 -18.89
N TRP D 152 -2.58 15.45 -18.65
CA TRP D 152 -3.90 15.37 -18.04
C TRP D 152 -4.98 15.56 -19.10
N LYS D 153 -5.95 14.64 -19.14
CA LYS D 153 -7.09 14.77 -20.04
C LYS D 153 -8.37 15.08 -19.28
N ALA D 154 -9.12 16.07 -19.75
CA ALA D 154 -10.50 16.23 -19.30
C ALA D 154 -11.38 15.66 -20.41
N ASP D 155 -12.00 14.51 -20.14
CA ASP D 155 -12.62 13.67 -21.16
C ASP D 155 -11.56 13.18 -22.14
N SER D 156 -11.44 13.85 -23.27
CA SER D 156 -10.36 13.57 -24.22
C SER D 156 -9.47 14.80 -24.43
N SER D 157 -10.04 15.97 -24.15
CA SER D 157 -9.35 17.23 -24.33
C SER D 157 -8.30 17.46 -23.24
N PRO D 158 -7.03 17.56 -23.64
CA PRO D 158 -5.91 17.77 -22.72
C PRO D 158 -6.06 18.99 -21.85
N VAL D 159 -5.44 18.95 -20.68
CA VAL D 159 -5.51 20.02 -19.72
C VAL D 159 -4.10 20.47 -19.40
N LYS D 160 -3.87 21.78 -19.40
CA LYS D 160 -2.58 22.31 -19.00
C LYS D 160 -2.70 23.31 -17.85
N ALA D 161 -3.89 23.88 -17.67
CA ALA D 161 -4.12 24.84 -16.59
C ALA D 161 -4.39 24.14 -15.26
N GLY D 162 -3.78 24.65 -14.19
CA GLY D 162 -3.94 24.06 -12.88
C GLY D 162 -3.16 22.77 -12.70
N VAL D 163 -2.06 22.62 -13.44
CA VAL D 163 -1.23 21.42 -13.34
C VAL D 163 0.10 21.72 -12.66
N GLU D 164 0.44 20.92 -11.66
CA GLU D 164 1.73 21.05 -10.99
C GLU D 164 2.38 19.67 -10.93
N THR D 165 3.54 19.54 -11.56
CA THR D 165 4.19 18.23 -11.65
C THR D 165 5.60 18.33 -11.10
N THR D 166 5.95 17.41 -10.20
CA THR D 166 7.27 17.43 -9.62
C THR D 166 8.27 16.90 -10.62
N THR D 167 9.54 16.97 -10.26
CA THR D 167 10.60 16.29 -11.00
C THR D 167 10.83 14.96 -10.31
N PRO D 168 11.33 13.96 -11.06
CA PRO D 168 11.63 12.67 -10.44
C PRO D 168 12.69 12.77 -9.34
N SER D 169 12.61 11.89 -8.35
CA SER D 169 13.58 11.87 -7.26
C SER D 169 13.99 10.43 -6.99
N LYS D 170 15.28 10.21 -6.72
CA LYS D 170 15.81 8.87 -6.47
C LYS D 170 15.26 8.29 -5.17
N GLN D 171 14.91 7.00 -5.20
CA GLN D 171 14.33 6.34 -4.04
C GLN D 171 15.36 5.53 -3.27
N SER D 172 14.88 4.73 -2.32
CA SER D 172 15.72 3.83 -1.54
C SER D 172 16.33 2.78 -2.44
N ASN D 173 15.49 2.21 -3.31
CA ASN D 173 15.92 1.14 -4.20
C ASN D 173 16.44 1.65 -5.54
N ASN D 174 16.97 2.87 -5.53
CA ASN D 174 17.56 3.48 -6.73
C ASN D 174 16.64 3.56 -7.94
N LYS D 175 15.33 3.60 -7.70
CA LYS D 175 14.37 3.92 -8.74
C LYS D 175 13.90 5.33 -8.49
N TYR D 176 12.84 5.76 -9.17
CA TYR D 176 12.39 7.14 -9.02
C TYR D 176 10.90 7.26 -8.79
N ALA D 177 10.51 8.36 -8.16
CA ALA D 177 9.10 8.67 -7.97
C ALA D 177 8.83 10.14 -8.29
N ALA D 178 7.59 10.43 -8.68
CA ALA D 178 7.18 11.79 -8.94
C ALA D 178 5.67 11.90 -8.78
N SER D 179 5.15 13.12 -8.75
CA SER D 179 3.72 13.29 -8.57
C SER D 179 3.20 14.51 -9.33
N SER D 180 2.02 14.37 -9.91
CA SER D 180 1.40 15.46 -10.64
C SER D 180 0.11 15.84 -9.94
N TYR D 181 -0.25 17.12 -10.04
CA TYR D 181 -1.45 17.61 -9.38
C TYR D 181 -2.31 18.43 -10.35
N LEU D 182 -3.61 18.14 -10.39
CA LEU D 182 -4.54 18.95 -11.17
C LEU D 182 -5.56 19.61 -10.28
N SER D 183 -5.57 20.94 -10.28
CA SER D 183 -6.46 21.72 -9.42
C SER D 183 -7.70 22.19 -10.16
N LEU D 184 -8.86 21.68 -9.73
CA LEU D 184 -10.12 22.06 -10.36
C LEU D 184 -11.00 22.78 -9.36
N THR D 185 -12.03 23.44 -9.87
CA THR D 185 -13.16 23.86 -9.04
C THR D 185 -14.10 22.67 -8.98
N PRO D 186 -14.93 22.59 -7.94
CA PRO D 186 -15.92 21.49 -7.86
C PRO D 186 -16.79 21.43 -9.11
N GLU D 187 -17.17 22.59 -9.64
CA GLU D 187 -18.02 22.66 -10.82
C GLU D 187 -17.34 22.07 -12.06
N GLN D 188 -16.07 22.45 -12.27
CA GLN D 188 -15.28 21.85 -13.33
C GLN D 188 -15.27 20.32 -13.21
N TRP D 189 -14.94 19.83 -12.01
CA TRP D 189 -14.87 18.40 -11.72
C TRP D 189 -16.19 17.69 -11.92
N LYS D 190 -17.30 18.43 -11.74
CA LYS D 190 -18.63 17.88 -11.86
C LYS D 190 -19.06 17.81 -13.31
N SER D 191 -18.54 18.74 -14.12
CA SER D 191 -19.04 18.99 -15.47
C SER D 191 -18.41 18.12 -16.56
N HIS D 192 -17.44 17.28 -16.21
CA HIS D 192 -16.86 16.33 -17.15
C HIS D 192 -17.18 14.90 -16.74
N ARG D 193 -17.14 13.98 -17.70
CA ARG D 193 -17.47 12.59 -17.43
C ARG D 193 -16.31 11.81 -16.79
N SER D 194 -15.07 12.21 -17.09
CA SER D 194 -13.91 11.52 -16.55
C SER D 194 -12.64 12.35 -16.72
N TYR D 195 -11.71 12.18 -15.80
CA TYR D 195 -10.38 12.78 -15.92
C TYR D 195 -9.33 11.68 -15.98
N SER D 196 -8.22 11.97 -16.65
CA SER D 196 -7.19 10.97 -16.84
C SER D 196 -5.81 11.53 -16.56
N CYS D 197 -5.00 10.74 -15.87
CA CYS D 197 -3.60 11.04 -15.71
C CYS D 197 -2.85 10.05 -16.59
N GLN D 198 -2.10 10.57 -17.56
CA GLN D 198 -1.34 9.72 -18.48
C GLN D 198 0.17 9.88 -18.26
N VAL D 199 0.84 8.76 -18.00
CA VAL D 199 2.27 8.80 -17.74
C VAL D 199 3.07 8.04 -18.79
N THR D 200 3.75 8.77 -19.65
CA THR D 200 4.62 8.16 -20.63
C THR D 200 6.03 7.99 -20.08
N HIS D 201 6.59 6.80 -20.28
CA HIS D 201 7.93 6.51 -19.82
C HIS D 201 8.58 5.50 -20.75
N GLU D 202 9.68 5.91 -21.40
CA GLU D 202 10.40 5.06 -22.34
C GLU D 202 9.52 4.61 -23.50
N GLY D 203 8.76 5.53 -24.07
CA GLY D 203 7.96 5.25 -25.25
C GLY D 203 6.60 4.60 -25.01
N SER D 204 6.32 4.22 -23.77
CA SER D 204 5.05 3.60 -23.45
C SER D 204 4.27 4.40 -22.39
N THR D 205 2.96 4.45 -22.55
CA THR D 205 2.11 5.26 -21.68
C THR D 205 1.30 4.42 -20.71
N VAL D 206 1.24 4.86 -19.45
CA VAL D 206 0.36 4.26 -18.45
C VAL D 206 -0.74 5.27 -18.10
N GLU D 207 -1.98 4.80 -18.07
CA GLU D 207 -3.12 5.69 -17.88
C GLU D 207 -4.01 5.26 -16.71
N LYS D 208 -4.40 6.22 -15.89
CA LYS D 208 -5.42 5.97 -14.85
C LYS D 208 -6.54 6.98 -14.98
N THR D 209 -7.76 6.53 -14.76
CA THR D 209 -8.95 7.37 -14.97
C THR D 209 -9.86 7.39 -13.74
N VAL D 210 -10.40 8.57 -13.42
CA VAL D 210 -11.47 8.68 -12.43
C VAL D 210 -12.64 9.50 -12.98
N ALA D 211 -13.77 9.45 -12.27
CA ALA D 211 -14.99 10.12 -12.71
C ALA D 211 -15.82 10.55 -11.51
N PRO D 212 -16.47 11.72 -11.63
CA PRO D 212 -17.31 12.29 -10.56
C PRO D 212 -18.53 11.44 -10.24
N THR D 213 -18.83 10.45 -11.09
CA THR D 213 -19.95 9.54 -10.84
C THR D 213 -19.49 8.28 -10.10
N GLU D 214 -18.40 8.43 -9.34
CA GLU D 214 -17.75 7.35 -8.62
C GLU D 214 -17.36 6.19 -9.54
#